data_7L4Z
#
_entry.id   7L4Z
#
_cell.length_a   284.920
_cell.length_b   284.920
_cell.length_c   156.016
_cell.angle_alpha   90.000
_cell.angle_beta   90.000
_cell.angle_gamma   120.000
#
_symmetry.space_group_name_H-M   'H 3 2'
#
loop_
_entity.id
_entity.type
_entity.pdbx_description
1 polymer 'Spike protein S1'
2 polymer ACE-DTY-LYS-ALA-GLY-VAL-VAL-TYR-GLY-TYR-ASN-ALA-TRP-ILE-ARG-CYS-NH2
3 non-polymer 2-acetamido-2-deoxy-beta-D-glucopyranose
#
loop_
_entity_poly.entity_id
_entity_poly.type
_entity_poly.pdbx_seq_one_letter_code
_entity_poly.pdbx_strand_id
1 'polypeptide(L)'
;RVQPTESIVRFPNITNLCPFGEVFNATRFASVYAWNRKRISNCVADYSVLYNSASFSTFKCYGVSPTKLNDLCFTNVYAD
SFVIRGDEVRQIAPGQTGKIADYNYKLPDDFTGCVIAWNSNNLDSKVGGNYNYLYRLFRKSNLKPFERDISTEIYQAGST
PCNGVEGFNCYFPLQSYGFQPTNGVGYQPYRVVVLSFELLHAPATVCGPKKSTNLVKNKCVNFHHHHHH
;
B,D,A,C,E
2 'polypeptide(L)' (ACE)(DTY)KAGVVYGYNAWIRC(NH2) S,T,R,U,V
#
# COMPACT_ATOMS: atom_id res chain seq x y z
N ARG A 10 11.97 -34.90 53.26
CA ARG A 10 11.50 -33.65 53.85
C ARG A 10 12.63 -32.64 53.98
N PHE A 11 13.80 -32.99 53.45
CA PHE A 11 15.01 -32.22 53.61
C PHE A 11 15.72 -32.09 52.26
N PRO A 12 16.11 -30.87 51.86
CA PRO A 12 16.61 -30.65 50.48
C PRO A 12 18.11 -30.90 50.30
N ASN A 13 18.46 -31.53 49.17
CA ASN A 13 19.83 -31.96 48.92
C ASN A 13 20.60 -30.97 48.06
N ILE A 14 20.12 -30.69 46.83
CA ILE A 14 20.88 -29.92 45.84
C ILE A 14 20.77 -28.44 46.15
N THR A 15 21.92 -27.75 46.17
CA THR A 15 21.99 -26.31 46.43
C THR A 15 22.70 -25.64 45.26
N ASN A 16 21.97 -25.45 44.17
CA ASN A 16 22.54 -24.78 43.01
C ASN A 16 21.41 -24.12 42.24
N LEU A 17 21.53 -22.81 42.03
CA LEU A 17 20.57 -22.06 41.24
C LEU A 17 20.98 -22.08 39.77
N CYS A 18 20.05 -22.38 38.89
CA CYS A 18 20.36 -22.35 37.47
C CYS A 18 20.67 -20.93 37.03
N PRO A 19 21.81 -20.69 36.36
CA PRO A 19 22.25 -19.31 36.09
C PRO A 19 21.47 -18.66 34.95
N PHE A 20 20.17 -18.45 35.18
CA PHE A 20 19.37 -17.75 34.18
C PHE A 20 19.85 -16.31 34.03
N GLY A 21 20.24 -15.67 35.13
CA GLY A 21 20.77 -14.31 35.05
C GLY A 21 21.95 -14.21 34.10
N GLU A 22 22.80 -15.22 34.09
CA GLU A 22 23.98 -15.21 33.22
C GLU A 22 23.59 -15.33 31.75
N VAL A 23 22.36 -15.74 31.45
CA VAL A 23 21.89 -15.84 30.07
C VAL A 23 20.96 -14.70 29.68
N PHE A 24 20.32 -14.03 30.64
CA PHE A 24 19.39 -12.96 30.33
C PHE A 24 19.96 -11.56 30.57
N ASN A 25 20.63 -11.32 31.70
CA ASN A 25 21.25 -10.02 31.89
C ASN A 25 22.62 -10.01 31.22
N ALA A 26 22.67 -10.36 29.93
CA ALA A 26 23.92 -10.42 29.18
C ALA A 26 24.14 -9.13 28.40
N THR A 27 25.40 -8.69 28.36
CA THR A 27 25.71 -7.42 27.70
C THR A 27 25.27 -7.44 26.23
N ARG A 28 25.78 -8.39 25.45
CA ARG A 28 25.42 -8.51 24.04
C ARG A 28 25.02 -9.95 23.74
N PHE A 29 23.81 -10.13 23.20
CA PHE A 29 23.37 -11.44 22.73
C PHE A 29 24.07 -11.79 21.42
N ALA A 30 23.97 -13.05 21.04
CA ALA A 30 24.61 -13.51 19.82
C ALA A 30 23.76 -13.21 18.60
N SER A 31 24.42 -13.16 17.45
CA SER A 31 23.71 -13.03 16.18
C SER A 31 22.99 -14.34 15.87
N VAL A 32 21.82 -14.21 15.22
CA VAL A 32 20.96 -15.37 15.01
C VAL A 32 21.67 -16.49 14.23
N TYR A 33 22.58 -16.13 13.33
CA TYR A 33 23.29 -17.18 12.60
C TYR A 33 24.32 -17.89 13.46
N ALA A 34 24.79 -17.26 14.54
CA ALA A 34 25.75 -17.88 15.45
C ALA A 34 25.17 -17.94 16.86
N TRP A 35 23.94 -18.44 16.97
CA TRP A 35 23.22 -18.52 18.23
C TRP A 35 24.06 -19.19 19.31
N ASN A 36 24.12 -18.56 20.49
CA ASN A 36 24.94 -19.07 21.57
C ASN A 36 24.13 -20.06 22.40
N ARG A 37 24.80 -21.10 22.90
CA ARG A 37 24.14 -22.15 23.68
C ARG A 37 24.87 -22.35 25.00
N LYS A 38 24.12 -22.37 26.10
CA LYS A 38 24.64 -22.57 27.45
C LYS A 38 24.06 -23.86 28.03
N ARG A 39 24.95 -24.75 28.47
CA ARG A 39 24.54 -26.02 29.07
C ARG A 39 24.09 -25.79 30.51
N ILE A 40 22.83 -26.14 30.80
CA ILE A 40 22.27 -26.04 32.13
C ILE A 40 22.10 -27.45 32.70
N SER A 41 22.64 -27.67 33.89
CA SER A 41 22.51 -28.98 34.52
C SER A 41 22.77 -28.83 36.01
N ASN A 42 22.33 -29.84 36.75
CA ASN A 42 22.62 -29.98 38.17
C ASN A 42 22.30 -28.70 38.94
N CYS A 43 21.07 -28.22 38.79
CA CYS A 43 20.68 -26.99 39.45
C CYS A 43 19.16 -26.95 39.57
N VAL A 44 18.70 -26.18 40.54
CA VAL A 44 17.28 -25.85 40.64
C VAL A 44 17.00 -24.60 39.83
N ALA A 45 15.85 -24.58 39.18
CA ALA A 45 15.41 -23.43 38.41
C ALA A 45 14.01 -23.03 38.83
N ASP A 46 13.76 -21.73 38.86
CA ASP A 46 12.46 -21.19 39.23
C ASP A 46 11.96 -20.42 38.02
N TYR A 47 10.96 -20.97 37.34
CA TYR A 47 10.42 -20.29 36.16
C TYR A 47 9.40 -19.23 36.53
N SER A 48 8.95 -19.23 37.79
CA SER A 48 8.02 -18.21 38.23
C SER A 48 8.67 -16.83 38.20
N VAL A 49 9.97 -16.75 38.47
CA VAL A 49 10.64 -15.44 38.42
C VAL A 49 10.74 -14.94 36.98
N LEU A 50 11.01 -15.84 36.03
CA LEU A 50 11.06 -15.43 34.63
C LEU A 50 9.70 -14.92 34.17
N TYR A 51 8.65 -15.72 34.37
CA TYR A 51 7.33 -15.26 33.91
C TYR A 51 6.86 -14.02 34.68
N ASN A 52 7.24 -13.89 35.96
CA ASN A 52 6.85 -12.72 36.73
C ASN A 52 7.58 -11.47 36.28
N SER A 53 8.76 -11.62 35.68
CA SER A 53 9.40 -10.47 35.07
C SER A 53 8.44 -9.82 34.08
N ALA A 54 7.67 -10.64 33.37
CA ALA A 54 6.46 -10.28 32.62
C ALA A 54 6.73 -9.33 31.46
N SER A 55 7.99 -9.02 31.17
CA SER A 55 8.31 -8.13 30.06
C SER A 55 8.29 -8.85 28.71
N PHE A 56 8.45 -10.18 28.72
CA PHE A 56 8.56 -10.92 27.46
C PHE A 56 7.32 -10.73 26.59
N SER A 57 7.55 -10.55 25.29
CA SER A 57 6.46 -10.41 24.34
C SER A 57 5.86 -11.76 23.99
N THR A 58 6.66 -12.81 23.95
CA THR A 58 6.14 -14.14 23.64
C THR A 58 6.81 -15.15 24.57
N PHE A 59 6.01 -15.83 25.38
CA PHE A 59 6.51 -16.83 26.33
C PHE A 59 5.65 -18.08 26.13
N LYS A 60 6.02 -18.90 25.16
CA LYS A 60 5.18 -20.03 24.77
C LYS A 60 6.00 -21.31 24.83
N CYS A 61 5.42 -22.36 25.41
CA CYS A 61 6.10 -23.63 25.60
C CYS A 61 5.36 -24.74 24.86
N TYR A 62 6.12 -25.76 24.49
CA TYR A 62 5.62 -26.83 23.65
C TYR A 62 5.85 -28.16 24.35
N GLY A 63 4.80 -28.97 24.44
CA GLY A 63 4.85 -30.23 25.15
C GLY A 63 4.45 -30.17 26.61
N VAL A 64 4.47 -28.98 27.22
CA VAL A 64 4.14 -28.81 28.63
C VAL A 64 3.64 -27.39 28.84
N SER A 65 2.50 -27.26 29.53
CA SER A 65 1.94 -25.94 29.77
C SER A 65 2.92 -25.12 30.60
N PRO A 66 3.19 -23.86 30.23
CA PRO A 66 4.16 -23.06 30.99
C PRO A 66 3.70 -22.74 32.40
N THR A 67 2.39 -22.61 32.64
CA THR A 67 1.88 -22.30 33.97
C THR A 67 2.32 -23.34 34.99
N LYS A 68 2.26 -24.62 34.64
CA LYS A 68 2.61 -25.72 35.53
C LYS A 68 4.01 -26.26 35.25
N LEU A 69 4.91 -25.40 34.79
CA LEU A 69 6.27 -25.82 34.45
C LEU A 69 7.14 -25.94 35.70
N ASN A 70 6.80 -25.21 36.76
CA ASN A 70 7.71 -25.03 37.88
C ASN A 70 7.87 -26.31 38.70
N ASP A 71 6.86 -27.18 38.71
CA ASP A 71 6.87 -28.39 39.55
C ASP A 71 7.21 -29.65 38.76
N LEU A 72 8.20 -29.56 37.87
CA LEU A 72 8.65 -30.69 37.08
C LEU A 72 10.18 -30.73 37.12
N CYS A 73 10.75 -31.89 36.87
CA CYS A 73 12.19 -32.05 36.85
C CYS A 73 12.64 -32.43 35.45
N PHE A 74 13.60 -31.68 34.91
CA PHE A 74 14.05 -31.81 33.53
C PHE A 74 15.50 -32.28 33.49
N THR A 75 15.92 -32.72 32.32
CA THR A 75 17.31 -33.10 32.09
C THR A 75 17.73 -32.60 30.71
N ASN A 76 19.03 -32.44 30.53
CA ASN A 76 19.61 -31.98 29.26
C ASN A 76 19.08 -30.61 28.87
N VAL A 77 19.03 -29.70 29.84
CA VAL A 77 18.51 -28.36 29.61
C VAL A 77 19.57 -27.52 28.93
N TYR A 78 19.22 -26.93 27.78
CA TYR A 78 20.10 -26.06 27.00
C TYR A 78 19.40 -24.73 26.77
N ALA A 79 20.11 -23.63 26.98
CA ALA A 79 19.59 -22.29 26.72
C ALA A 79 20.27 -21.70 25.50
N ASP A 80 19.50 -21.47 24.44
CA ASP A 80 19.97 -20.86 23.21
C ASP A 80 19.52 -19.41 23.16
N SER A 81 20.47 -18.50 22.94
CA SER A 81 20.21 -17.07 22.96
C SER A 81 20.65 -16.47 21.64
N PHE A 82 19.80 -15.60 21.09
CA PHE A 82 20.09 -14.89 19.84
C PHE A 82 19.17 -13.69 19.72
N VAL A 83 19.39 -12.90 18.67
CA VAL A 83 18.59 -11.70 18.39
C VAL A 83 18.08 -11.79 16.96
N ILE A 84 16.79 -11.50 16.76
CA ILE A 84 16.15 -11.54 15.46
C ILE A 84 15.27 -10.29 15.30
N ARG A 85 14.54 -10.21 14.19
CA ARG A 85 13.61 -9.13 13.95
C ARG A 85 12.25 -9.43 14.58
N GLY A 86 11.49 -8.36 14.82
CA GLY A 86 10.16 -8.52 15.39
C GLY A 86 9.26 -9.40 14.54
N ASP A 87 9.22 -9.14 13.23
CA ASP A 87 8.40 -9.93 12.32
C ASP A 87 8.88 -11.37 12.22
N GLU A 88 10.10 -11.67 12.65
CA GLU A 88 10.68 -12.99 12.53
C GLU A 88 10.44 -13.87 13.77
N VAL A 89 9.74 -13.34 14.78
CA VAL A 89 9.50 -14.12 16.00
C VAL A 89 8.69 -15.37 15.68
N ARG A 90 7.71 -15.25 14.78
CA ARG A 90 6.83 -16.38 14.47
C ARG A 90 7.62 -17.59 13.99
N GLN A 91 8.80 -17.35 13.37
CA GLN A 91 9.59 -18.41 12.78
C GLN A 91 10.23 -19.32 13.82
N ILE A 92 10.41 -18.86 15.06
CA ILE A 92 10.99 -19.71 16.09
C ILE A 92 9.86 -20.54 16.71
N ALA A 93 9.47 -21.59 15.99
CA ALA A 93 8.46 -22.54 16.42
C ALA A 93 8.60 -23.76 15.53
N PRO A 94 8.17 -24.93 16.00
CA PRO A 94 8.35 -26.16 15.20
C PRO A 94 7.59 -26.09 13.89
N GLY A 95 8.27 -26.48 12.82
CA GLY A 95 7.68 -26.60 11.49
C GLY A 95 7.45 -25.31 10.74
N GLN A 96 7.87 -24.17 11.27
CA GLN A 96 7.69 -22.91 10.57
C GLN A 96 8.73 -22.77 9.47
N THR A 97 8.31 -22.19 8.34
CA THR A 97 9.18 -21.94 7.19
C THR A 97 9.35 -20.43 7.04
N GLY A 98 10.59 -19.97 7.04
CA GLY A 98 10.84 -18.55 6.89
C GLY A 98 12.29 -18.29 6.58
N LYS A 99 12.61 -16.99 6.45
CA LYS A 99 13.97 -16.60 6.12
C LYS A 99 14.96 -17.14 7.14
N ILE A 100 14.62 -17.02 8.43
CA ILE A 100 15.49 -17.45 9.50
C ILE A 100 15.40 -18.96 9.72
N ALA A 101 14.17 -19.46 9.88
CA ALA A 101 13.98 -20.85 10.29
C ALA A 101 14.57 -21.81 9.26
N ASP A 102 14.41 -21.52 7.97
CA ASP A 102 14.96 -22.40 6.95
C ASP A 102 16.49 -22.42 7.00
N TYR A 103 17.12 -21.28 7.24
CA TYR A 103 18.56 -21.15 7.06
C TYR A 103 19.37 -20.74 8.29
N ASN A 104 18.74 -20.35 9.40
CA ASN A 104 19.53 -19.88 10.55
C ASN A 104 19.33 -20.72 11.80
N TYR A 105 18.11 -20.83 12.30
CA TYR A 105 17.84 -21.60 13.51
C TYR A 105 16.46 -22.25 13.40
N LYS A 106 16.41 -23.58 13.44
CA LYS A 106 15.20 -24.35 13.16
C LYS A 106 14.93 -25.30 14.31
N LEU A 107 13.79 -25.13 14.93
CA LEU A 107 13.36 -26.08 15.94
C LEU A 107 12.84 -27.35 15.26
N PRO A 108 13.12 -28.52 15.83
CA PRO A 108 12.63 -29.76 15.24
C PRO A 108 11.14 -29.94 15.44
N ASP A 109 10.59 -30.91 14.70
CA ASP A 109 9.15 -31.09 14.70
C ASP A 109 8.65 -31.65 16.03
N ASP A 110 9.49 -32.43 16.73
CA ASP A 110 9.15 -33.01 18.02
C ASP A 110 9.68 -32.16 19.18
N PHE A 111 9.57 -30.84 19.06
CA PHE A 111 10.14 -29.93 20.04
C PHE A 111 9.52 -30.12 21.43
N THR A 112 10.35 -29.94 22.45
CA THR A 112 9.94 -30.17 23.83
C THR A 112 10.15 -28.98 24.77
N GLY A 113 10.81 -27.92 24.32
CA GLY A 113 11.20 -26.81 25.19
C GLY A 113 10.26 -25.63 25.19
N CYS A 114 10.82 -24.45 25.45
CA CYS A 114 10.10 -23.20 25.57
C CYS A 114 10.76 -22.12 24.71
N VAL A 115 9.98 -21.10 24.37
CA VAL A 115 10.45 -19.96 23.58
C VAL A 115 10.11 -18.69 24.35
N ILE A 116 11.13 -17.86 24.57
CA ILE A 116 11.02 -16.60 25.29
C ILE A 116 11.52 -15.51 24.35
N ALA A 117 10.71 -14.46 24.16
CA ALA A 117 11.07 -13.39 23.25
C ALA A 117 10.63 -12.07 23.86
N TRP A 118 11.54 -11.09 23.84
CA TRP A 118 11.23 -9.78 24.39
C TRP A 118 11.91 -8.67 23.59
N ASN A 119 11.20 -7.55 23.47
CA ASN A 119 11.67 -6.40 22.69
C ASN A 119 12.97 -5.84 23.26
N SER A 120 13.95 -5.62 22.38
CA SER A 120 15.24 -5.07 22.79
C SER A 120 15.57 -3.79 22.02
N ASN A 121 14.56 -3.05 21.58
CA ASN A 121 14.79 -1.82 20.82
C ASN A 121 15.46 -0.75 21.66
N ASN A 122 15.48 -0.91 22.99
CA ASN A 122 16.14 0.05 23.86
C ASN A 122 17.65 -0.13 23.89
N LEU A 123 18.13 -1.36 23.71
CA LEU A 123 19.56 -1.68 23.83
C LEU A 123 20.22 -2.06 22.51
N ASP A 124 19.53 -2.80 21.65
CA ASP A 124 20.16 -3.39 20.48
C ASP A 124 20.02 -2.56 19.23
N SER A 125 19.45 -1.37 19.33
CA SER A 125 19.40 -0.43 18.22
C SER A 125 20.00 0.90 18.66
N LYS A 126 20.49 1.66 17.69
CA LYS A 126 21.08 2.96 17.96
C LYS A 126 20.82 3.83 16.75
N VAL A 127 20.84 5.14 16.97
CA VAL A 127 20.61 6.06 15.85
C VAL A 127 21.71 5.83 14.82
N GLY A 128 21.31 5.67 13.56
CA GLY A 128 22.20 5.21 12.53
C GLY A 128 22.20 3.71 12.34
N GLY A 129 21.65 2.96 13.28
CA GLY A 129 21.45 1.52 13.19
C GLY A 129 22.62 0.73 13.73
N ASN A 130 22.30 -0.45 14.26
CA ASN A 130 23.30 -1.44 14.63
C ASN A 130 23.35 -2.50 13.54
N TYR A 131 24.52 -2.68 12.94
CA TYR A 131 24.71 -3.65 11.87
C TYR A 131 25.53 -4.86 12.33
N ASN A 132 25.62 -5.07 13.64
CA ASN A 132 26.39 -6.16 14.21
C ASN A 132 25.60 -7.44 14.37
N TYR A 133 24.28 -7.39 14.19
CA TYR A 133 23.44 -8.58 14.20
C TYR A 133 23.17 -8.98 12.76
N LEU A 134 23.64 -10.17 12.39
CA LEU A 134 23.57 -10.64 11.02
C LEU A 134 22.62 -11.82 10.92
N TYR A 135 22.15 -12.08 9.70
CA TYR A 135 21.36 -13.27 9.41
C TYR A 135 21.80 -13.86 8.09
N ARG A 136 21.74 -15.19 7.98
CA ARG A 136 22.19 -15.89 6.78
C ARG A 136 21.06 -15.90 5.76
N LEU A 137 21.26 -15.17 4.66
CA LEU A 137 20.19 -14.98 3.68
C LEU A 137 19.89 -16.25 2.89
N PHE A 138 20.92 -16.86 2.31
CA PHE A 138 20.75 -18.06 1.49
C PHE A 138 21.74 -19.12 1.95
N ARG A 139 21.32 -20.38 1.84
CA ARG A 139 22.19 -21.51 2.10
C ARG A 139 21.94 -22.55 1.03
N LYS A 140 22.97 -23.36 0.76
CA LYS A 140 22.85 -24.35 -0.29
C LYS A 140 21.75 -25.36 0.04
N SER A 141 21.70 -25.81 1.30
CA SER A 141 20.69 -26.76 1.74
C SER A 141 20.09 -26.25 3.04
N ASN A 142 18.88 -26.74 3.35
CA ASN A 142 18.21 -26.33 4.58
C ASN A 142 18.98 -26.82 5.80
N LEU A 143 18.76 -26.14 6.92
CA LEU A 143 19.43 -26.51 8.16
C LEU A 143 18.66 -27.59 8.90
N LYS A 144 19.39 -28.56 9.44
CA LYS A 144 18.81 -29.56 10.31
C LYS A 144 18.50 -28.95 11.67
N PRO A 145 17.59 -29.54 12.44
CA PRO A 145 17.26 -28.98 13.76
C PRO A 145 18.49 -28.80 14.62
N PHE A 146 18.60 -27.63 15.24
CA PHE A 146 19.74 -27.23 16.07
C PHE A 146 21.07 -27.32 15.35
N GLU A 147 21.08 -27.38 14.02
CA GLU A 147 22.34 -27.33 13.30
C GLU A 147 22.86 -25.90 13.35
N ARG A 148 24.16 -25.76 13.51
CA ARG A 148 24.78 -24.44 13.61
C ARG A 148 25.80 -24.33 12.50
N ASP A 149 25.50 -23.48 11.52
CA ASP A 149 26.39 -23.24 10.38
C ASP A 149 26.72 -21.75 10.40
N ILE A 150 27.99 -21.44 10.64
CA ILE A 150 28.45 -20.07 10.66
C ILE A 150 29.45 -19.81 9.53
N SER A 151 29.41 -20.64 8.49
CA SER A 151 30.30 -20.48 7.36
C SER A 151 30.03 -19.17 6.65
N THR A 152 31.10 -18.62 6.06
CA THR A 152 31.08 -17.34 5.34
C THR A 152 31.64 -17.53 3.94
N GLU A 153 31.17 -18.56 3.23
CA GLU A 153 31.68 -18.85 1.89
C GLU A 153 30.83 -18.11 0.87
N ILE A 154 31.51 -17.34 0.01
CA ILE A 154 30.87 -16.52 -1.01
C ILE A 154 30.35 -17.37 -2.16
N TYR A 155 29.11 -17.13 -2.56
CA TYR A 155 28.56 -17.69 -3.79
C TYR A 155 29.21 -17.02 -5.00
N GLN A 156 29.71 -17.82 -5.94
CA GLN A 156 30.46 -17.30 -7.08
C GLN A 156 29.84 -17.72 -8.40
N ALA A 157 28.52 -17.64 -8.51
CA ALA A 157 27.84 -17.98 -9.75
C ALA A 157 28.17 -16.89 -10.77
N GLY A 158 29.35 -17.02 -11.35
CA GLY A 158 29.85 -16.02 -12.28
C GLY A 158 31.07 -16.57 -13.01
N SER A 159 31.48 -15.82 -14.02
CA SER A 159 32.64 -16.23 -14.83
C SER A 159 33.87 -16.46 -13.96
N THR A 160 34.35 -15.39 -13.31
CA THR A 160 35.61 -15.38 -12.57
C THR A 160 35.42 -15.91 -11.16
N PRO A 161 36.48 -16.37 -10.51
CA PRO A 161 36.38 -16.80 -9.11
C PRO A 161 36.48 -15.61 -8.17
N CYS A 162 35.67 -15.64 -7.11
CA CYS A 162 35.62 -14.51 -6.19
C CYS A 162 36.91 -14.39 -5.37
N ASN A 163 37.50 -15.51 -4.98
CA ASN A 163 38.71 -15.51 -4.15
C ASN A 163 38.48 -14.71 -2.87
N GLY A 164 37.32 -14.90 -2.27
CA GLY A 164 37.01 -14.28 -0.99
C GLY A 164 36.78 -12.79 -1.02
N VAL A 165 36.21 -12.25 -2.10
CA VAL A 165 35.88 -10.84 -2.18
C VAL A 165 34.41 -10.69 -2.56
N GLU A 166 33.66 -9.91 -1.78
CA GLU A 166 32.28 -9.61 -2.12
C GLU A 166 32.24 -8.64 -3.29
N GLY A 167 31.30 -8.86 -4.20
CA GLY A 167 31.22 -8.01 -5.36
C GLY A 167 30.00 -8.23 -6.23
N PHE A 168 30.22 -8.32 -7.53
CA PHE A 168 29.15 -8.44 -8.49
C PHE A 168 29.36 -9.73 -9.27
N ASN A 169 28.24 -10.37 -9.65
CA ASN A 169 28.21 -11.79 -10.02
C ASN A 169 28.78 -12.66 -8.92
N CYS A 170 28.74 -12.15 -7.68
CA CYS A 170 29.52 -12.73 -6.60
C CYS A 170 28.93 -12.20 -5.28
N TYR A 171 28.13 -13.04 -4.63
CA TYR A 171 27.32 -12.60 -3.50
C TYR A 171 27.77 -13.24 -2.19
N PHE A 172 27.63 -12.47 -1.09
CA PHE A 172 27.97 -12.82 0.29
C PHE A 172 26.74 -13.28 1.05
N PRO A 173 26.83 -14.39 1.80
CA PRO A 173 25.62 -14.95 2.43
C PRO A 173 24.99 -14.09 3.52
N LEU A 174 25.78 -13.55 4.43
CA LEU A 174 25.25 -12.87 5.61
C LEU A 174 24.83 -11.43 5.31
N GLN A 175 23.66 -11.04 5.81
CA GLN A 175 23.13 -9.69 5.65
C GLN A 175 22.98 -9.04 7.01
N SER A 176 23.39 -7.78 7.11
CA SER A 176 23.29 -7.02 8.35
C SER A 176 21.84 -6.65 8.64
N TYR A 177 21.43 -6.75 9.91
CA TYR A 177 20.06 -6.40 10.27
C TYR A 177 19.82 -4.90 10.16
N GLY A 178 20.68 -4.10 10.79
CA GLY A 178 20.48 -2.66 10.79
C GLY A 178 19.25 -2.18 11.55
N PHE A 179 19.26 -2.33 12.87
CA PHE A 179 18.13 -1.86 13.68
C PHE A 179 18.34 -0.39 14.01
N GLN A 180 17.40 0.45 13.58
CA GLN A 180 17.37 1.81 14.09
C GLN A 180 16.21 1.95 15.07
N PRO A 181 16.36 2.74 16.14
CA PRO A 181 15.27 2.88 17.12
C PRO A 181 14.00 3.42 16.50
N THR A 182 14.10 4.05 15.33
CA THR A 182 12.95 4.61 14.63
C THR A 182 12.27 3.60 13.72
N ASN A 183 12.71 2.34 13.74
CA ASN A 183 12.12 1.32 12.90
C ASN A 183 10.72 0.96 13.38
N GLY A 184 9.96 0.32 12.50
CA GLY A 184 8.66 -0.20 12.89
C GLY A 184 8.81 -1.37 13.83
N VAL A 185 7.72 -1.64 14.56
CA VAL A 185 7.74 -2.74 15.53
C VAL A 185 8.11 -4.06 14.86
N GLY A 186 7.67 -4.25 13.61
CA GLY A 186 8.07 -5.43 12.86
C GLY A 186 9.56 -5.51 12.60
N TYR A 187 10.21 -4.37 12.44
CA TYR A 187 11.65 -4.30 12.19
C TYR A 187 12.47 -4.07 13.45
N GLN A 188 11.82 -3.89 14.60
CA GLN A 188 12.56 -3.69 15.84
C GLN A 188 13.24 -4.99 16.28
N PRO A 189 14.40 -4.90 16.91
CA PRO A 189 15.11 -6.12 17.35
C PRO A 189 14.48 -6.76 18.57
N TYR A 190 14.41 -8.09 18.56
CA TYR A 190 13.89 -8.87 19.66
C TYR A 190 14.91 -9.90 20.10
N ARG A 191 15.20 -9.93 21.40
CA ARG A 191 16.07 -10.96 21.96
C ARG A 191 15.24 -12.20 22.29
N VAL A 192 15.76 -13.36 21.90
CA VAL A 192 15.07 -14.63 22.06
C VAL A 192 15.96 -15.61 22.79
N VAL A 193 15.35 -16.36 23.72
CA VAL A 193 15.97 -17.47 24.43
C VAL A 193 15.08 -18.68 24.25
N VAL A 194 15.66 -19.78 23.76
CA VAL A 194 14.97 -21.03 23.54
C VAL A 194 15.53 -22.05 24.51
N LEU A 195 14.65 -22.73 25.24
CA LEU A 195 15.04 -23.69 26.24
C LEU A 195 14.70 -25.09 25.72
N SER A 196 15.72 -25.90 25.50
CA SER A 196 15.53 -27.27 25.02
C SER A 196 15.79 -28.21 26.18
N PHE A 197 14.80 -29.05 26.51
CA PHE A 197 14.97 -29.98 27.61
C PHE A 197 14.09 -31.21 27.40
N GLU A 198 14.40 -32.26 28.17
CA GLU A 198 13.64 -33.50 28.20
C GLU A 198 12.89 -33.60 29.53
N LEU A 199 11.61 -33.97 29.45
CA LEU A 199 10.84 -34.20 30.66
C LEU A 199 11.30 -35.48 31.34
N LEU A 200 11.65 -35.38 32.61
CA LEU A 200 12.14 -36.50 33.39
C LEU A 200 11.13 -36.81 34.48
N HIS A 201 10.78 -38.09 34.65
CA HIS A 201 9.91 -38.55 35.71
C HIS A 201 10.58 -39.64 36.57
N ALA A 202 11.91 -39.60 36.65
CA ALA A 202 12.65 -40.73 37.22
C ALA A 202 12.28 -41.06 38.66
N PRO A 203 12.25 -40.10 39.60
CA PRO A 203 11.75 -40.44 40.94
C PRO A 203 10.25 -40.28 41.02
N ALA A 204 9.53 -41.38 41.32
CA ALA A 204 8.08 -41.36 41.21
C ALA A 204 7.48 -40.33 42.15
N THR A 205 7.97 -40.29 43.39
CA THR A 205 7.43 -39.35 44.37
C THR A 205 7.75 -37.92 43.99
N VAL A 206 9.00 -37.65 43.60
CA VAL A 206 9.46 -36.27 43.39
C VAL A 206 8.84 -35.67 42.13
N CYS A 207 8.84 -36.42 41.03
CA CYS A 207 8.43 -35.89 39.73
C CYS A 207 7.15 -36.53 39.19
N GLY A 208 6.27 -37.02 40.06
CA GLY A 208 5.02 -37.61 39.64
C GLY A 208 3.94 -36.60 39.29
N ASN B 13 13.49 25.30 -37.68
CA ASN B 13 14.90 25.07 -38.02
C ASN B 13 15.42 23.73 -37.49
N ILE B 14 14.84 23.23 -36.41
CA ILE B 14 15.30 22.02 -35.72
C ILE B 14 14.23 20.94 -35.81
N THR B 15 14.63 19.74 -36.24
CA THR B 15 13.72 18.58 -36.38
C THR B 15 14.31 17.38 -35.65
N ASN B 16 14.21 17.40 -34.32
CA ASN B 16 14.67 16.31 -33.47
C ASN B 16 13.86 16.38 -32.18
N LEU B 17 13.13 15.31 -31.86
CA LEU B 17 12.40 15.21 -30.59
C LEU B 17 13.32 14.65 -29.52
N CYS B 18 13.31 15.27 -28.35
CA CYS B 18 14.13 14.81 -27.24
C CYS B 18 13.71 13.41 -26.81
N PRO B 19 14.64 12.46 -26.69
CA PRO B 19 14.29 11.06 -26.44
C PRO B 19 13.96 10.77 -24.97
N PHE B 20 12.96 11.49 -24.44
CA PHE B 20 12.54 11.25 -23.07
C PHE B 20 12.04 9.82 -22.88
N GLY B 21 11.30 9.30 -23.86
CA GLY B 21 10.79 7.95 -23.78
C GLY B 21 11.85 6.87 -23.68
N GLU B 22 13.09 7.20 -24.08
CA GLU B 22 14.20 6.27 -23.97
C GLU B 22 14.83 6.28 -22.58
N VAL B 23 14.29 7.07 -21.66
CA VAL B 23 14.70 7.07 -20.26
C VAL B 23 13.60 6.53 -19.37
N PHE B 24 12.38 7.07 -19.48
CA PHE B 24 11.32 6.73 -18.56
C PHE B 24 10.80 5.31 -18.78
N ASN B 25 10.55 4.94 -20.03
CA ASN B 25 10.05 3.60 -20.36
C ASN B 25 11.18 2.61 -20.60
N ALA B 26 12.42 3.00 -20.30
CA ALA B 26 13.56 2.09 -20.41
C ALA B 26 13.38 0.91 -19.45
N THR B 27 13.78 -0.27 -19.92
CA THR B 27 13.50 -1.50 -19.19
C THR B 27 14.18 -1.52 -17.82
N ARG B 28 15.51 -1.44 -17.81
CA ARG B 28 16.29 -1.60 -16.58
C ARG B 28 16.86 -0.25 -16.13
N PHE B 29 16.51 0.17 -14.92
CA PHE B 29 17.11 1.34 -14.28
C PHE B 29 18.35 0.93 -13.47
N ALA B 30 19.24 1.90 -13.30
CA ALA B 30 20.47 1.72 -12.54
C ALA B 30 20.23 1.79 -11.03
N SER B 31 21.15 1.17 -10.29
CA SER B 31 21.14 1.27 -8.84
C SER B 31 21.53 2.67 -8.40
N VAL B 32 20.94 3.11 -7.28
CA VAL B 32 21.11 4.49 -6.82
C VAL B 32 22.59 4.86 -6.62
N TYR B 33 23.42 3.91 -6.19
CA TYR B 33 24.83 4.21 -5.99
C TYR B 33 25.55 4.44 -7.31
N ALA B 34 24.99 3.95 -8.41
CA ALA B 34 25.53 4.06 -9.76
C ALA B 34 24.48 4.66 -10.68
N TRP B 35 23.89 5.77 -10.23
CA TRP B 35 22.81 6.42 -10.95
C TRP B 35 23.21 6.77 -12.38
N ASN B 36 22.32 6.45 -13.32
CA ASN B 36 22.62 6.63 -14.74
C ASN B 36 22.41 8.08 -15.17
N ARG B 37 23.21 8.52 -16.14
CA ARG B 37 23.27 9.90 -16.59
C ARG B 37 23.26 9.96 -18.11
N LYS B 38 22.30 10.67 -18.70
CA LYS B 38 22.26 10.89 -20.14
C LYS B 38 22.12 12.38 -20.42
N ARG B 39 22.93 12.90 -21.34
CA ARG B 39 22.86 14.30 -21.73
C ARG B 39 21.85 14.46 -22.86
N ILE B 40 20.86 15.32 -22.63
CA ILE B 40 19.86 15.67 -23.64
C ILE B 40 20.33 16.98 -24.29
N SER B 41 20.37 17.00 -25.62
CA SER B 41 20.82 18.19 -26.36
C SER B 41 20.31 18.13 -27.79
N ASN B 42 20.27 19.31 -28.43
CA ASN B 42 19.93 19.48 -29.84
C ASN B 42 18.59 18.82 -30.18
N CYS B 43 17.56 19.25 -29.47
CA CYS B 43 16.23 18.68 -29.64
C CYS B 43 15.20 19.59 -28.99
N VAL B 44 13.94 19.30 -29.27
CA VAL B 44 12.80 19.97 -28.65
C VAL B 44 12.10 18.99 -27.72
N ALA B 45 11.73 19.47 -26.53
CA ALA B 45 11.09 18.63 -25.53
C ALA B 45 9.70 19.16 -25.20
N ASP B 46 8.76 18.24 -25.00
CA ASP B 46 7.37 18.56 -24.71
C ASP B 46 7.06 18.04 -23.31
N TYR B 47 6.94 18.96 -22.35
CA TYR B 47 6.68 18.60 -20.97
C TYR B 47 5.23 18.23 -20.70
N SER B 48 4.31 18.62 -21.58
CA SER B 48 2.92 18.22 -21.42
C SER B 48 2.77 16.71 -21.44
N VAL B 49 3.66 16.01 -22.17
CA VAL B 49 3.61 14.55 -22.24
C VAL B 49 3.76 13.94 -20.86
N LEU B 50 4.63 14.51 -20.04
CA LEU B 50 4.90 13.92 -18.74
C LEU B 50 3.69 14.04 -17.81
N TYR B 51 3.23 15.26 -17.53
CA TYR B 51 2.15 15.41 -16.57
C TYR B 51 0.80 14.95 -17.14
N ASN B 52 0.67 14.82 -18.46
CA ASN B 52 -0.52 14.17 -19.02
C ASN B 52 -0.43 12.66 -19.01
N SER B 53 0.78 12.09 -18.88
CA SER B 53 0.89 10.67 -18.56
C SER B 53 0.20 10.36 -17.23
N ALA B 54 0.25 11.31 -16.29
CA ALA B 54 -0.60 11.35 -15.10
C ALA B 54 -0.44 10.14 -14.21
N SER B 55 0.67 9.41 -14.32
CA SER B 55 0.93 8.25 -13.49
C SER B 55 1.92 8.51 -12.37
N PHE B 56 2.55 9.69 -12.34
CA PHE B 56 3.67 9.94 -11.44
C PHE B 56 3.21 10.17 -10.00
N SER B 57 4.01 9.70 -9.05
CA SER B 57 3.74 9.90 -7.64
C SER B 57 4.18 11.27 -7.16
N THR B 58 5.40 11.69 -7.53
CA THR B 58 5.93 12.98 -7.14
C THR B 58 6.48 13.69 -8.36
N PHE B 59 6.02 14.91 -8.62
CA PHE B 59 6.40 15.65 -9.82
C PHE B 59 6.76 17.09 -9.42
N LYS B 60 7.81 17.25 -8.62
CA LYS B 60 8.14 18.55 -8.07
C LYS B 60 9.24 19.22 -8.88
N CYS B 61 9.07 20.52 -9.11
CA CYS B 61 10.04 21.30 -9.87
C CYS B 61 10.57 22.46 -9.05
N TYR B 62 11.88 22.68 -9.14
CA TYR B 62 12.56 23.73 -8.39
C TYR B 62 13.10 24.76 -9.37
N GLY B 63 12.75 26.03 -9.13
CA GLY B 63 13.19 27.14 -9.96
C GLY B 63 12.20 27.57 -11.02
N VAL B 64 11.30 26.68 -11.44
CA VAL B 64 10.30 27.00 -12.45
C VAL B 64 9.07 26.14 -12.21
N SER B 65 7.90 26.76 -12.29
CA SER B 65 6.66 26.02 -12.14
C SER B 65 6.48 25.07 -13.30
N PRO B 66 6.23 23.77 -13.04
CA PRO B 66 6.04 22.82 -14.15
C PRO B 66 4.86 23.14 -15.03
N THR B 67 3.86 23.81 -14.47
CA THR B 67 2.72 24.24 -15.28
C THR B 67 3.19 25.07 -16.46
N LYS B 68 3.96 26.12 -16.19
CA LYS B 68 4.55 26.95 -17.24
C LYS B 68 5.98 26.54 -17.54
N LEU B 69 6.21 25.26 -17.78
CA LEU B 69 7.54 24.75 -18.05
C LEU B 69 7.83 24.57 -19.54
N ASN B 70 6.81 24.18 -20.30
CA ASN B 70 7.01 23.78 -21.69
C ASN B 70 7.44 24.94 -22.59
N ASP B 71 7.17 26.18 -22.20
CA ASP B 71 7.48 27.34 -23.03
C ASP B 71 8.80 28.00 -22.63
N LEU B 72 9.88 27.22 -22.66
CA LEU B 72 11.19 27.77 -22.31
C LEU B 72 12.28 27.06 -23.11
N CYS B 73 13.43 27.72 -23.22
CA CYS B 73 14.60 27.14 -23.86
C CYS B 73 15.69 26.87 -22.83
N PHE B 74 16.27 25.68 -22.89
CA PHE B 74 17.20 25.15 -21.90
C PHE B 74 18.53 24.76 -22.54
N THR B 75 19.61 24.87 -21.77
CA THR B 75 20.92 24.37 -22.17
C THR B 75 21.48 23.50 -21.06
N ASN B 76 22.39 22.59 -21.45
CA ASN B 76 23.04 21.69 -20.49
C ASN B 76 22.03 20.83 -19.74
N VAL B 77 21.17 20.16 -20.50
CA VAL B 77 20.15 19.29 -19.91
C VAL B 77 20.73 17.91 -19.62
N TYR B 78 20.59 17.46 -18.38
CA TYR B 78 21.06 16.14 -17.97
C TYR B 78 19.95 15.40 -17.26
N ALA B 79 19.68 14.16 -17.70
CA ALA B 79 18.67 13.29 -17.13
C ALA B 79 19.35 12.17 -16.32
N ASP B 80 18.98 12.08 -15.05
CA ASP B 80 19.52 11.10 -14.12
C ASP B 80 18.44 10.11 -13.75
N SER B 81 18.73 8.83 -13.87
CA SER B 81 17.76 7.78 -13.60
C SER B 81 18.29 6.83 -12.54
N PHE B 82 17.44 6.52 -11.54
CA PHE B 82 17.77 5.55 -10.51
C PHE B 82 16.49 5.04 -9.85
N VAL B 83 16.65 4.06 -8.97
CA VAL B 83 15.55 3.46 -8.21
C VAL B 83 15.90 3.51 -6.73
N ILE B 84 14.94 3.93 -5.90
CA ILE B 84 15.15 4.04 -4.47
C ILE B 84 13.94 3.48 -3.73
N ARG B 85 13.99 3.54 -2.41
CA ARG B 85 12.88 3.17 -1.55
C ARG B 85 11.90 4.33 -1.45
N GLY B 86 10.61 4.01 -1.35
CA GLY B 86 9.59 5.04 -1.35
C GLY B 86 9.79 6.06 -0.24
N ASP B 87 10.07 5.59 0.97
CA ASP B 87 10.27 6.49 2.09
C ASP B 87 11.52 7.36 1.91
N GLU B 88 12.37 7.04 0.95
CA GLU B 88 13.57 7.81 0.67
C GLU B 88 13.35 8.86 -0.41
N VAL B 89 12.14 8.94 -0.98
CA VAL B 89 11.89 9.93 -2.02
C VAL B 89 12.12 11.34 -1.49
N ARG B 90 11.87 11.56 -0.20
CA ARG B 90 12.07 12.88 0.40
C ARG B 90 13.51 13.34 0.31
N GLN B 91 14.46 12.42 0.21
CA GLN B 91 15.87 12.79 0.26
C GLN B 91 16.37 13.39 -1.06
N ILE B 92 15.65 13.17 -2.16
CA ILE B 92 16.06 13.75 -3.43
C ILE B 92 15.49 15.16 -3.48
N ALA B 93 16.21 16.09 -2.87
CA ALA B 93 15.78 17.48 -2.74
C ALA B 93 17.01 18.32 -2.49
N PRO B 94 16.92 19.65 -2.67
CA PRO B 94 18.13 20.47 -2.50
C PRO B 94 18.41 20.71 -1.03
N GLY B 95 19.44 20.06 -0.50
CA GLY B 95 19.84 20.27 0.87
C GLY B 95 19.33 19.31 1.90
N GLN B 96 18.65 18.23 1.49
CA GLN B 96 18.20 17.23 2.43
C GLN B 96 19.35 16.37 2.92
N THR B 97 19.22 15.86 4.14
CA THR B 97 20.23 15.01 4.77
C THR B 97 19.56 13.72 5.18
N GLY B 98 19.94 12.63 4.52
CA GLY B 98 19.38 11.32 4.79
C GLY B 98 20.35 10.26 4.28
N LYS B 99 20.02 9.02 4.60
CA LYS B 99 20.88 7.88 4.24
C LYS B 99 21.28 7.92 2.76
N ILE B 100 20.29 8.03 1.86
CA ILE B 100 20.55 8.04 0.41
C ILE B 100 21.22 9.34 -0.02
N ALA B 101 20.67 10.47 0.42
CA ALA B 101 21.17 11.77 -0.04
C ALA B 101 22.61 12.01 0.41
N ASP B 102 22.94 11.66 1.64
CA ASP B 102 24.27 11.89 2.16
C ASP B 102 25.33 11.10 1.39
N TYR B 103 25.03 9.83 1.04
CA TYR B 103 26.06 8.92 0.54
C TYR B 103 25.82 8.32 -0.86
N ASN B 104 24.66 8.52 -1.48
CA ASN B 104 24.39 7.94 -2.79
C ASN B 104 24.25 8.96 -3.92
N TYR B 105 23.35 9.94 -3.75
CA TYR B 105 23.06 10.89 -4.83
C TYR B 105 22.61 12.21 -4.22
N LYS B 106 23.37 13.27 -4.47
CA LYS B 106 23.17 14.54 -3.79
C LYS B 106 23.00 15.66 -4.81
N LEU B 107 21.89 16.38 -4.69
CA LEU B 107 21.59 17.58 -5.47
C LEU B 107 22.24 18.80 -4.82
N PRO B 108 22.56 19.82 -5.60
CA PRO B 108 23.16 21.03 -5.05
C PRO B 108 22.11 21.96 -4.45
N ASP B 109 22.60 22.88 -3.62
CA ASP B 109 21.72 23.83 -2.94
C ASP B 109 20.96 24.72 -3.91
N ASP B 110 21.58 25.06 -5.04
CA ASP B 110 20.97 25.97 -6.03
C ASP B 110 20.38 25.19 -7.20
N PHE B 111 19.66 24.11 -6.86
CA PHE B 111 19.05 23.25 -7.85
C PHE B 111 17.96 23.97 -8.64
N THR B 112 17.98 23.78 -9.96
CA THR B 112 17.04 24.44 -10.86
C THR B 112 16.35 23.43 -11.77
N GLY B 113 16.13 22.21 -11.27
CA GLY B 113 15.60 21.15 -12.09
C GLY B 113 14.24 20.63 -11.68
N CYS B 114 13.87 19.45 -12.19
CA CYS B 114 12.60 18.81 -11.86
C CYS B 114 12.85 17.37 -11.46
N VAL B 115 12.09 16.88 -10.49
CA VAL B 115 12.19 15.52 -10.00
C VAL B 115 10.87 14.81 -10.23
N ILE B 116 10.94 13.65 -10.90
CA ILE B 116 9.80 12.80 -11.21
C ILE B 116 10.01 11.46 -10.53
N ALA B 117 8.96 10.95 -9.88
CA ALA B 117 9.06 9.68 -9.16
C ALA B 117 7.74 8.93 -9.27
N TRP B 118 7.82 7.64 -9.59
CA TRP B 118 6.62 6.80 -9.68
C TRP B 118 6.86 5.41 -9.12
N ASN B 119 5.76 4.79 -8.68
CA ASN B 119 5.82 3.45 -8.08
C ASN B 119 6.21 2.41 -9.13
N SER B 120 7.19 1.57 -8.79
CA SER B 120 7.64 0.51 -9.69
C SER B 120 7.60 -0.86 -9.00
N ASN B 121 6.66 -1.04 -8.07
CA ASN B 121 6.54 -2.34 -7.39
C ASN B 121 6.22 -3.44 -8.38
N ASN B 122 5.58 -3.08 -9.50
CA ASN B 122 5.12 -4.08 -10.46
C ASN B 122 6.28 -4.70 -11.23
N LEU B 123 7.39 -3.98 -11.34
CA LEU B 123 8.50 -4.38 -12.20
C LEU B 123 9.82 -4.61 -11.48
N ASP B 124 9.98 -4.13 -10.25
CA ASP B 124 11.25 -4.23 -9.54
C ASP B 124 11.20 -5.11 -8.31
N SER B 125 10.06 -5.74 -8.02
CA SER B 125 9.92 -6.63 -6.87
C SER B 125 9.71 -8.05 -7.38
N LYS B 126 10.30 -9.01 -6.67
CA LYS B 126 10.20 -10.41 -7.03
C LYS B 126 9.98 -11.25 -5.77
N VAL B 127 9.25 -12.35 -5.92
CA VAL B 127 9.09 -13.27 -4.81
C VAL B 127 10.45 -13.81 -4.43
N GLY B 128 10.77 -13.77 -3.13
CA GLY B 128 12.12 -14.05 -2.69
C GLY B 128 13.02 -12.83 -2.61
N GLY B 129 12.51 -11.67 -2.98
CA GLY B 129 13.26 -10.44 -2.96
C GLY B 129 14.01 -10.20 -4.26
N ASN B 130 14.39 -8.95 -4.47
CA ASN B 130 15.24 -8.55 -5.58
C ASN B 130 16.54 -8.03 -5.00
N TYR B 131 17.64 -8.71 -5.31
CA TYR B 131 18.96 -8.37 -4.75
C TYR B 131 19.89 -7.76 -5.81
N ASN B 132 19.33 -6.93 -6.68
CA ASN B 132 20.08 -6.25 -7.73
C ASN B 132 20.23 -4.75 -7.50
N TYR B 133 19.27 -4.12 -6.84
CA TYR B 133 19.37 -2.71 -6.51
C TYR B 133 20.04 -2.55 -5.14
N LEU B 134 21.17 -1.86 -5.13
CA LEU B 134 21.99 -1.67 -3.95
C LEU B 134 22.05 -0.17 -3.63
N TYR B 135 22.36 0.15 -2.38
CA TYR B 135 22.58 1.55 -2.02
C TYR B 135 23.81 1.64 -1.12
N ARG B 136 24.60 2.70 -1.32
CA ARG B 136 25.79 2.92 -0.50
C ARG B 136 25.34 3.40 0.87
N LEU B 137 25.51 2.55 1.88
CA LEU B 137 25.04 2.87 3.22
C LEU B 137 26.06 3.69 4.00
N PHE B 138 27.35 3.43 3.80
CA PHE B 138 28.42 4.08 4.55
C PHE B 138 29.45 4.65 3.60
N ARG B 139 29.84 5.90 3.83
CA ARG B 139 30.96 6.50 3.13
C ARG B 139 31.76 7.34 4.11
N LYS B 140 33.06 7.47 3.84
CA LYS B 140 33.93 8.21 4.75
C LYS B 140 33.41 9.61 4.99
N SER B 141 33.01 10.30 3.92
CA SER B 141 32.52 11.67 4.00
C SER B 141 31.32 11.80 3.07
N ASN B 142 30.58 12.90 3.25
CA ASN B 142 29.39 13.14 2.44
C ASN B 142 29.77 13.38 0.98
N LEU B 143 28.76 13.30 0.11
CA LEU B 143 29.00 13.45 -1.31
C LEU B 143 28.85 14.91 -1.75
N LYS B 144 29.65 15.27 -2.74
CA LYS B 144 29.52 16.54 -3.42
C LYS B 144 28.31 16.48 -4.37
N PRO B 145 27.74 17.62 -4.73
CA PRO B 145 26.59 17.60 -5.64
C PRO B 145 26.94 16.90 -6.94
N PHE B 146 26.06 16.00 -7.38
CA PHE B 146 26.25 15.23 -8.61
C PHE B 146 27.56 14.45 -8.58
N GLU B 147 27.94 13.96 -7.41
CA GLU B 147 29.10 13.10 -7.30
C GLU B 147 28.62 11.67 -7.34
N ARG B 148 29.35 10.83 -8.05
CA ARG B 148 28.94 9.45 -8.31
C ARG B 148 30.05 8.53 -7.84
N ASP B 149 29.74 7.71 -6.85
CA ASP B 149 30.72 6.82 -6.23
C ASP B 149 30.24 5.39 -6.39
N ILE B 150 31.06 4.57 -7.05
CA ILE B 150 30.77 3.14 -7.20
C ILE B 150 31.85 2.32 -6.53
N SER B 151 32.48 2.88 -5.50
CA SER B 151 33.50 2.14 -4.76
C SER B 151 32.87 1.02 -3.94
N THR B 152 33.61 -0.08 -3.80
CA THR B 152 33.19 -1.22 -2.98
C THR B 152 34.08 -1.44 -1.78
N GLU B 153 35.01 -0.53 -1.50
CA GLU B 153 35.86 -0.67 -0.32
C GLU B 153 35.00 -0.63 0.95
N ILE B 154 35.32 -1.52 1.89
CA ILE B 154 34.51 -1.69 3.09
C ILE B 154 34.79 -0.57 4.09
N TYR B 155 33.74 0.16 4.45
CA TYR B 155 33.84 1.23 5.43
C TYR B 155 34.17 0.69 6.81
N GLN B 156 35.00 1.43 7.55
CA GLN B 156 35.45 1.01 8.87
C GLN B 156 34.87 1.97 9.89
N ALA B 157 33.73 1.60 10.45
CA ALA B 157 33.11 2.39 11.52
C ALA B 157 33.60 1.96 12.89
N GLY B 158 34.80 1.38 12.97
CA GLY B 158 35.35 0.90 14.22
C GLY B 158 36.69 1.51 14.55
N SER B 159 37.14 1.24 15.77
CA SER B 159 38.45 1.69 16.23
C SER B 159 39.56 0.73 15.81
N THR B 160 39.22 -0.30 15.05
CA THR B 160 40.13 -1.34 14.61
C THR B 160 40.12 -1.44 13.08
N PRO B 161 41.22 -1.90 12.48
CA PRO B 161 41.27 -1.98 11.01
C PRO B 161 40.48 -3.14 10.45
N CYS B 162 39.94 -2.93 9.24
CA CYS B 162 39.21 -3.96 8.51
C CYS B 162 40.09 -4.68 7.50
N ASN B 163 40.86 -3.91 6.72
CA ASN B 163 41.83 -4.45 5.77
C ASN B 163 41.21 -5.51 4.85
N GLY B 164 40.07 -5.16 4.25
CA GLY B 164 39.48 -5.91 3.16
C GLY B 164 38.50 -7.02 3.49
N VAL B 165 38.04 -7.15 4.73
CA VAL B 165 37.15 -8.25 5.11
C VAL B 165 35.98 -7.74 5.94
N GLU B 166 34.78 -8.21 5.61
CA GLU B 166 33.57 -7.86 6.36
C GLU B 166 33.60 -8.51 7.75
N GLY B 167 32.94 -7.87 8.70
CA GLY B 167 32.90 -8.40 10.05
C GLY B 167 32.21 -7.46 11.01
N PHE B 168 32.55 -7.61 12.30
CA PHE B 168 32.03 -6.76 13.37
C PHE B 168 32.67 -5.37 13.27
N ASN B 169 31.84 -4.35 13.05
CA ASN B 169 32.26 -2.97 12.85
C ASN B 169 33.05 -2.79 11.56
N CYS B 170 32.99 -3.76 10.66
CA CYS B 170 33.61 -3.70 9.35
C CYS B 170 32.56 -4.12 8.33
N TYR B 171 32.01 -3.17 7.60
CA TYR B 171 30.82 -3.42 6.81
C TYR B 171 31.11 -3.25 5.33
N PHE B 172 30.45 -4.04 4.52
CA PHE B 172 30.46 -3.82 3.08
C PHE B 172 29.52 -2.65 2.77
N PRO B 173 29.99 -1.61 2.06
CA PRO B 173 29.21 -0.36 1.98
C PRO B 173 27.86 -0.53 1.31
N LEU B 174 27.80 -1.27 0.22
CA LEU B 174 26.56 -1.43 -0.52
C LEU B 174 25.65 -2.41 0.22
N GLN B 175 24.40 -2.01 0.42
CA GLN B 175 23.39 -2.85 1.05
C GLN B 175 22.31 -3.15 0.02
N SER B 176 21.91 -4.41 -0.07
CA SER B 176 20.88 -4.80 -1.01
C SER B 176 19.51 -4.32 -0.54
N TYR B 177 18.71 -3.81 -1.47
CA TYR B 177 17.38 -3.33 -1.12
C TYR B 177 16.45 -4.48 -0.77
N GLY B 178 16.39 -5.50 -1.63
CA GLY B 178 15.54 -6.65 -1.40
C GLY B 178 14.05 -6.36 -1.53
N PHE B 179 13.62 -5.87 -2.69
CA PHE B 179 12.22 -5.54 -2.88
C PHE B 179 11.37 -6.79 -3.05
N GLN B 180 10.25 -6.82 -2.33
CA GLN B 180 9.23 -7.85 -2.45
C GLN B 180 7.90 -7.17 -2.69
N PRO B 181 7.03 -7.75 -3.54
CA PRO B 181 5.76 -7.09 -3.84
C PRO B 181 4.86 -6.88 -2.64
N THR B 182 5.00 -7.71 -1.61
CA THR B 182 4.18 -7.62 -0.41
C THR B 182 4.73 -6.62 0.61
N ASN B 183 5.75 -5.85 0.26
CA ASN B 183 6.28 -4.87 1.18
C ASN B 183 5.29 -3.71 1.34
N GLY B 184 5.49 -2.95 2.41
CA GLY B 184 4.71 -1.75 2.60
C GLY B 184 5.06 -0.70 1.55
N VAL B 185 4.14 0.24 1.36
CA VAL B 185 4.36 1.28 0.36
C VAL B 185 5.62 2.06 0.68
N GLY B 186 5.94 2.19 1.97
CA GLY B 186 7.18 2.84 2.37
C GLY B 186 8.44 2.10 1.95
N TYR B 187 8.34 0.80 1.69
CA TYR B 187 9.50 -0.01 1.30
C TYR B 187 9.45 -0.47 -0.16
N GLN B 188 8.38 -0.20 -0.88
CA GLN B 188 8.29 -0.59 -2.28
C GLN B 188 9.26 0.22 -3.15
N PRO B 189 9.76 -0.35 -4.24
CA PRO B 189 10.69 0.39 -5.11
C PRO B 189 9.96 1.48 -5.88
N TYR B 190 10.57 2.67 -5.91
CA TYR B 190 10.07 3.79 -6.68
C TYR B 190 11.18 4.21 -7.64
N ARG B 191 10.82 4.30 -8.93
CA ARG B 191 11.75 4.80 -9.94
C ARG B 191 11.72 6.33 -9.99
N VAL B 192 12.92 6.92 -10.06
CA VAL B 192 13.11 8.36 -9.98
C VAL B 192 13.97 8.82 -11.16
N VAL B 193 13.56 9.95 -11.76
CA VAL B 193 14.32 10.63 -12.80
C VAL B 193 14.45 12.09 -12.41
N VAL B 194 15.68 12.60 -12.42
CA VAL B 194 16.00 13.97 -12.07
C VAL B 194 16.50 14.69 -13.32
N LEU B 195 15.90 15.83 -13.63
CA LEU B 195 16.30 16.64 -14.78
C LEU B 195 16.97 17.90 -14.28
N SER B 196 18.26 18.04 -14.58
CA SER B 196 19.04 19.22 -14.22
C SER B 196 19.34 20.01 -15.49
N PHE B 197 18.90 21.27 -15.54
CA PHE B 197 19.05 22.08 -16.73
C PHE B 197 19.38 23.52 -16.35
N GLU B 198 19.99 24.22 -17.31
CA GLU B 198 20.32 25.63 -17.19
C GLU B 198 19.33 26.45 -18.03
N LEU B 199 18.63 27.38 -17.38
CA LEU B 199 17.70 28.24 -18.08
C LEU B 199 18.42 29.10 -19.10
N LEU B 200 17.76 29.38 -20.23
CA LEU B 200 18.33 30.27 -21.25
C LEU B 200 17.26 31.24 -21.70
N HIS B 201 17.58 32.53 -21.70
CA HIS B 201 16.68 33.58 -22.15
C HIS B 201 17.29 34.41 -23.28
N ALA B 202 18.20 33.82 -24.06
CA ALA B 202 18.95 34.58 -25.07
C ALA B 202 18.06 35.25 -26.09
N PRO B 203 17.06 34.59 -26.70
CA PRO B 203 16.10 35.32 -27.54
C PRO B 203 15.00 35.91 -26.66
N ALA B 204 14.90 37.24 -26.69
CA ALA B 204 13.96 37.92 -25.79
C ALA B 204 12.52 37.51 -26.11
N THR B 205 12.22 37.30 -27.39
CA THR B 205 10.85 36.95 -27.77
C THR B 205 10.55 35.49 -27.46
N VAL B 206 11.49 34.59 -27.76
CA VAL B 206 11.19 33.17 -27.79
C VAL B 206 11.06 32.61 -26.38
N CYS B 207 12.01 32.93 -25.50
CA CYS B 207 12.06 32.39 -24.15
C CYS B 207 11.97 33.55 -23.17
N GLY B 208 10.98 33.50 -22.27
CA GLY B 208 10.71 34.58 -21.36
C GLY B 208 11.81 34.86 -20.37
N PRO B 209 12.08 36.13 -20.12
CA PRO B 209 12.92 36.50 -18.97
C PRO B 209 12.18 36.27 -17.68
N LYS B 210 12.92 35.84 -16.64
CA LYS B 210 12.32 35.36 -15.39
C LYS B 210 11.26 36.34 -14.89
N LYS B 211 10.24 35.76 -14.24
CA LYS B 211 8.91 36.37 -14.19
C LYS B 211 8.93 37.76 -13.56
N SER B 212 8.10 38.65 -14.11
CA SER B 212 8.01 40.04 -13.70
C SER B 212 6.78 40.23 -12.81
N THR B 213 6.91 41.12 -11.83
CA THR B 213 5.81 41.45 -10.94
C THR B 213 5.92 42.90 -10.50
N ASN B 214 4.82 43.63 -10.60
CA ASN B 214 4.79 45.05 -10.29
C ASN B 214 3.90 45.33 -9.09
N LEU B 215 4.09 46.50 -8.51
CA LEU B 215 3.20 47.03 -7.48
C LEU B 215 2.86 48.48 -7.78
N ARG C 10 -16.41 -52.90 23.70
CA ARG C 10 -15.07 -52.41 24.00
C ARG C 10 -14.60 -51.41 22.96
N PHE C 11 -14.22 -51.92 21.79
CA PHE C 11 -13.75 -51.11 20.68
C PHE C 11 -14.40 -51.61 19.39
N PRO C 12 -14.71 -50.70 18.45
CA PRO C 12 -15.38 -51.11 17.21
C PRO C 12 -14.59 -52.10 16.35
N ASN C 13 -15.17 -52.52 15.23
CA ASN C 13 -14.64 -53.58 14.39
C ASN C 13 -14.04 -53.07 13.09
N ILE C 14 -14.75 -52.20 12.37
CA ILE C 14 -14.28 -51.69 11.08
C ILE C 14 -13.21 -50.64 11.30
N THR C 15 -12.35 -50.46 10.29
CA THR C 15 -11.25 -49.51 10.35
C THR C 15 -11.11 -48.81 9.00
N ASN C 16 -12.11 -48.01 8.66
CA ASN C 16 -12.11 -47.25 7.40
C ASN C 16 -12.97 -46.01 7.57
N LEU C 17 -12.37 -44.86 7.37
CA LEU C 17 -13.10 -43.60 7.33
C LEU C 17 -13.62 -43.39 5.92
N CYS C 18 -14.88 -43.00 5.80
CA CYS C 18 -15.46 -42.76 4.49
C CYS C 18 -14.71 -41.64 3.78
N PRO C 19 -14.27 -41.85 2.52
CA PRO C 19 -13.38 -40.90 1.81
C PRO C 19 -14.13 -39.71 1.21
N PHE C 20 -14.80 -38.94 2.08
CA PHE C 20 -15.53 -37.77 1.61
C PHE C 20 -14.62 -36.78 0.90
N GLY C 21 -13.39 -36.61 1.37
CA GLY C 21 -12.47 -35.67 0.74
C GLY C 21 -12.20 -35.97 -0.73
N GLU C 22 -12.32 -37.25 -1.12
CA GLU C 22 -12.12 -37.64 -2.50
C GLU C 22 -13.22 -37.06 -3.39
N VAL C 23 -14.20 -36.39 -2.78
CA VAL C 23 -15.27 -35.71 -3.49
C VAL C 23 -15.19 -34.20 -3.30
N PHE C 24 -15.11 -33.75 -2.04
CA PHE C 24 -15.22 -32.32 -1.77
C PHE C 24 -13.98 -31.55 -2.23
N ASN C 25 -12.79 -32.06 -1.95
CA ASN C 25 -11.59 -31.34 -2.36
C ASN C 25 -11.10 -31.74 -3.75
N ALA C 26 -11.92 -32.46 -4.52
CA ALA C 26 -11.56 -32.75 -5.91
C ALA C 26 -11.44 -31.46 -6.70
N THR C 27 -10.45 -31.39 -7.58
CA THR C 27 -10.15 -30.13 -8.27
C THR C 27 -11.32 -29.69 -9.14
N ARG C 28 -11.68 -30.50 -10.13
CA ARG C 28 -12.76 -30.19 -11.06
C ARG C 28 -13.94 -31.12 -10.79
N PHE C 29 -15.10 -30.52 -10.51
CA PHE C 29 -16.32 -31.30 -10.43
C PHE C 29 -16.87 -31.52 -11.82
N ALA C 30 -17.66 -32.58 -11.95
CA ALA C 30 -18.25 -32.87 -13.25
C ALA C 30 -19.39 -31.91 -13.55
N SER C 31 -19.67 -31.75 -14.83
CA SER C 31 -20.78 -30.91 -15.25
C SER C 31 -22.10 -31.56 -14.83
N VAL C 32 -23.09 -30.71 -14.51
CA VAL C 32 -24.37 -31.17 -13.99
C VAL C 32 -25.01 -32.20 -14.92
N TYR C 33 -24.83 -32.05 -16.23
CA TYR C 33 -25.42 -33.02 -17.14
C TYR C 33 -24.72 -34.38 -17.05
N ALA C 34 -23.51 -34.40 -16.48
CA ALA C 34 -22.70 -35.59 -16.35
C ALA C 34 -22.28 -35.79 -14.90
N TRP C 35 -23.26 -35.69 -14.00
CA TRP C 35 -23.01 -35.76 -12.56
C TRP C 35 -22.26 -37.04 -12.18
N ASN C 36 -21.20 -36.89 -11.38
CA ASN C 36 -20.37 -38.01 -10.98
C ASN C 36 -20.99 -38.75 -9.80
N ARG C 37 -20.77 -40.07 -9.75
CA ARG C 37 -21.37 -40.93 -8.75
C ARG C 37 -20.30 -41.83 -8.16
N LYS C 38 -20.06 -41.71 -6.86
CA LYS C 38 -19.12 -42.54 -6.13
C LYS C 38 -19.89 -43.44 -5.17
N ARG C 39 -19.54 -44.72 -5.15
CA ARG C 39 -20.20 -45.69 -4.28
C ARG C 39 -19.45 -45.72 -2.95
N ILE C 40 -20.16 -45.41 -1.87
CA ILE C 40 -19.63 -45.44 -0.51
C ILE C 40 -20.01 -46.76 0.17
N SER C 41 -19.03 -47.42 0.78
CA SER C 41 -19.29 -48.69 1.44
C SER C 41 -18.18 -48.98 2.45
N ASN C 42 -18.51 -49.84 3.43
CA ASN C 42 -17.57 -50.38 4.42
C ASN C 42 -16.75 -49.27 5.08
N CYS C 43 -17.44 -48.34 5.72
CA CYS C 43 -16.73 -47.23 6.34
C CYS C 43 -17.65 -46.53 7.34
N VAL C 44 -17.02 -45.69 8.16
CA VAL C 44 -17.72 -44.82 9.10
C VAL C 44 -17.61 -43.37 8.64
N ALA C 45 -18.72 -42.65 8.68
CA ALA C 45 -18.75 -41.25 8.27
C ALA C 45 -19.24 -40.38 9.42
N ASP C 46 -18.63 -39.22 9.59
CA ASP C 46 -18.98 -38.29 10.66
C ASP C 46 -19.49 -37.01 10.01
N TYR C 47 -20.80 -36.80 10.08
CA TYR C 47 -21.43 -35.65 9.44
C TYR C 47 -21.22 -34.35 10.19
N SER C 48 -20.91 -34.45 11.50
CA SER C 48 -20.59 -33.25 12.26
C SER C 48 -19.36 -32.57 11.66
N VAL C 49 -18.44 -33.34 11.09
CA VAL C 49 -17.28 -32.76 10.44
C VAL C 49 -17.70 -31.90 9.24
N LEU C 50 -18.66 -32.40 8.46
CA LEU C 50 -19.08 -31.66 7.27
C LEU C 50 -19.76 -30.36 7.67
N TYR C 51 -20.73 -30.43 8.60
CA TYR C 51 -21.37 -29.16 8.95
C TYR C 51 -20.42 -28.23 9.68
N ASN C 52 -19.44 -28.76 10.42
CA ASN C 52 -18.47 -27.92 11.11
C ASN C 52 -17.47 -27.31 10.14
N SER C 53 -17.36 -27.82 8.91
CA SER C 53 -16.66 -27.06 7.87
C SER C 53 -17.30 -25.68 7.69
N ALA C 54 -18.61 -25.59 7.91
CA ALA C 54 -19.35 -24.33 8.12
C ALA C 54 -19.27 -23.39 6.93
N SER C 55 -18.92 -23.91 5.76
CA SER C 55 -18.84 -23.09 4.56
C SER C 55 -20.05 -23.24 3.65
N PHE C 56 -20.93 -24.21 3.94
CA PHE C 56 -21.98 -24.57 2.99
C PHE C 56 -23.09 -23.52 3.00
N SER C 57 -23.64 -23.25 1.81
CA SER C 57 -24.75 -22.33 1.70
C SER C 57 -26.07 -23.00 2.03
N THR C 58 -26.30 -24.21 1.49
CA THR C 58 -27.55 -24.92 1.75
C THR C 58 -27.23 -26.37 2.09
N PHE C 59 -27.73 -26.84 3.24
CA PHE C 59 -27.46 -28.18 3.72
C PHE C 59 -28.79 -28.80 4.14
N LYS C 60 -29.57 -29.26 3.15
CA LYS C 60 -30.92 -29.75 3.40
C LYS C 60 -30.96 -31.26 3.41
N CYS C 61 -31.65 -31.85 4.38
CA CYS C 61 -31.80 -33.30 4.44
C CYS C 61 -33.26 -33.71 4.47
N TYR C 62 -33.57 -34.73 3.68
CA TYR C 62 -34.92 -35.26 3.52
C TYR C 62 -34.95 -36.72 4.00
N GLY C 63 -35.89 -37.04 4.89
CA GLY C 63 -36.06 -38.36 5.43
C GLY C 63 -35.40 -38.59 6.78
N VAL C 64 -34.38 -37.80 7.11
CA VAL C 64 -33.69 -37.90 8.39
C VAL C 64 -33.14 -36.52 8.72
N SER C 65 -33.31 -36.09 9.98
CA SER C 65 -32.80 -34.79 10.40
C SER C 65 -31.28 -34.79 10.41
N PRO C 66 -30.62 -33.83 9.75
CA PRO C 66 -29.15 -33.81 9.77
C PRO C 66 -28.59 -33.57 11.16
N THR C 67 -29.34 -32.89 12.01
CA THR C 67 -28.91 -32.69 13.39
C THR C 67 -28.65 -34.03 14.08
N LYS C 68 -29.64 -34.91 14.07
CA LYS C 68 -29.53 -36.26 14.63
C LYS C 68 -29.19 -37.27 13.55
N LEU C 69 -28.15 -36.99 12.75
CA LEU C 69 -27.78 -37.83 11.62
C LEU C 69 -26.59 -38.75 11.90
N ASN C 70 -25.65 -38.31 12.73
CA ASN C 70 -24.39 -39.01 12.86
C ASN C 70 -24.55 -40.38 13.53
N ASP C 71 -25.60 -40.57 14.32
CA ASP C 71 -25.82 -41.81 15.06
C ASP C 71 -26.80 -42.76 14.38
N LEU C 72 -26.48 -43.17 13.15
CA LEU C 72 -27.36 -44.09 12.42
C LEU C 72 -26.55 -45.03 11.51
N CYS C 73 -27.21 -46.09 11.06
CA CYS C 73 -26.64 -47.06 10.13
C CYS C 73 -27.23 -46.84 8.74
N PHE C 74 -26.35 -46.79 7.73
CA PHE C 74 -26.73 -46.49 6.36
C PHE C 74 -26.30 -47.61 5.44
N THR C 75 -27.12 -47.90 4.43
CA THR C 75 -26.74 -48.88 3.41
C THR C 75 -27.00 -48.29 2.03
N ASN C 76 -26.27 -48.80 1.04
CA ASN C 76 -26.41 -48.38 -0.37
C ASN C 76 -26.19 -46.88 -0.52
N VAL C 77 -25.07 -46.39 0.00
CA VAL C 77 -24.75 -44.97 -0.04
C VAL C 77 -24.11 -44.61 -1.38
N TYR C 78 -24.67 -43.60 -2.04
CA TYR C 78 -24.14 -43.08 -3.31
C TYR C 78 -23.98 -41.57 -3.17
N ALA C 79 -22.79 -41.07 -3.48
CA ALA C 79 -22.49 -39.64 -3.44
C ALA C 79 -22.38 -39.11 -4.86
N ASP C 80 -23.22 -38.13 -5.20
CA ASP C 80 -23.29 -37.54 -6.53
C ASP C 80 -22.77 -36.12 -6.46
N SER C 81 -21.82 -35.78 -7.32
CA SER C 81 -21.19 -34.47 -7.32
C SER C 81 -21.37 -33.81 -8.69
N PHE C 82 -21.82 -32.56 -8.67
CA PHE C 82 -21.95 -31.78 -9.90
C PHE C 82 -21.95 -30.29 -9.54
N VAL C 83 -21.97 -29.45 -10.57
CA VAL C 83 -21.95 -27.99 -10.43
C VAL C 83 -23.16 -27.41 -11.15
N ILE C 84 -23.85 -26.46 -10.50
CA ILE C 84 -25.02 -25.82 -11.08
C ILE C 84 -24.94 -24.32 -10.81
N ARG C 85 -25.95 -23.58 -11.29
CA ARG C 85 -26.11 -22.15 -11.08
C ARG C 85 -26.84 -21.91 -9.76
N GLY C 86 -26.52 -20.79 -9.10
CA GLY C 86 -27.02 -20.55 -7.76
C GLY C 86 -28.54 -20.56 -7.68
N ASP C 87 -29.19 -19.86 -8.61
CA ASP C 87 -30.65 -19.83 -8.62
C ASP C 87 -31.26 -21.19 -8.94
N GLU C 88 -30.45 -22.15 -9.41
CA GLU C 88 -30.92 -23.50 -9.68
C GLU C 88 -30.75 -24.43 -8.48
N VAL C 89 -30.18 -23.93 -7.37
CA VAL C 89 -29.98 -24.82 -6.22
C VAL C 89 -31.34 -25.33 -5.73
N ARG C 90 -32.35 -24.46 -5.74
CA ARG C 90 -33.69 -24.84 -5.30
C ARG C 90 -34.26 -26.00 -6.12
N GLN C 91 -33.72 -26.26 -7.31
CA GLN C 91 -34.28 -27.32 -8.14
C GLN C 91 -33.83 -28.71 -7.71
N ILE C 92 -32.76 -28.81 -6.93
CA ILE C 92 -32.30 -30.11 -6.43
C ILE C 92 -33.09 -30.38 -5.12
N ALA C 93 -34.29 -30.90 -5.31
CA ALA C 93 -35.20 -31.17 -4.20
C ALA C 93 -36.21 -32.21 -4.67
N PRO C 94 -36.88 -32.91 -3.75
CA PRO C 94 -37.80 -33.98 -4.16
C PRO C 94 -39.17 -33.45 -4.59
N GLY C 95 -39.39 -33.47 -5.90
CA GLY C 95 -40.66 -33.04 -6.46
C GLY C 95 -40.68 -31.65 -7.04
N GLN C 96 -39.52 -30.99 -7.12
CA GLN C 96 -39.42 -29.72 -7.80
C GLN C 96 -39.37 -29.93 -9.31
N THR C 97 -39.85 -28.95 -10.05
CA THR C 97 -39.87 -28.98 -11.51
C THR C 97 -39.17 -27.74 -12.03
N GLY C 98 -38.01 -27.93 -12.65
CA GLY C 98 -37.23 -26.84 -13.21
C GLY C 98 -36.31 -27.37 -14.29
N LYS C 99 -35.69 -26.44 -15.00
CA LYS C 99 -34.87 -26.77 -16.16
C LYS C 99 -33.88 -27.88 -15.86
N ILE C 100 -33.07 -27.69 -14.81
CA ILE C 100 -32.07 -28.67 -14.43
C ILE C 100 -32.74 -29.93 -13.91
N ALA C 101 -33.73 -29.77 -13.03
CA ALA C 101 -34.41 -30.92 -12.44
C ALA C 101 -35.16 -31.71 -13.51
N ASP C 102 -35.84 -31.02 -14.42
CA ASP C 102 -36.58 -31.72 -15.48
C ASP C 102 -35.65 -32.46 -16.43
N TYR C 103 -34.50 -31.87 -16.80
CA TYR C 103 -33.70 -32.46 -17.87
C TYR C 103 -32.27 -32.85 -17.51
N ASN C 104 -31.76 -32.52 -16.32
CA ASN C 104 -30.39 -32.90 -15.96
C ASN C 104 -30.30 -33.88 -14.79
N TYR C 105 -30.90 -33.55 -13.64
CA TYR C 105 -30.75 -34.40 -12.46
C TYR C 105 -31.98 -34.25 -11.58
N LYS C 106 -32.73 -35.36 -11.40
CA LYS C 106 -34.00 -35.36 -10.71
C LYS C 106 -33.98 -36.43 -9.63
N LEU C 107 -34.35 -36.04 -8.41
CA LEU C 107 -34.44 -36.95 -7.28
C LEU C 107 -35.76 -37.73 -7.30
N PRO C 108 -35.79 -38.92 -6.70
CA PRO C 108 -37.00 -39.74 -6.74
C PRO C 108 -38.04 -39.25 -5.73
N ASP C 109 -39.27 -39.74 -5.93
CA ASP C 109 -40.38 -39.35 -5.08
C ASP C 109 -40.13 -39.73 -3.63
N ASP C 110 -39.50 -40.88 -3.42
CA ASP C 110 -39.20 -41.38 -2.07
C ASP C 110 -37.76 -41.06 -1.68
N PHE C 111 -37.37 -39.79 -1.82
CA PHE C 111 -35.99 -39.41 -1.53
C PHE C 111 -35.73 -39.49 -0.04
N THR C 112 -34.59 -40.08 0.31
CA THR C 112 -34.19 -40.30 1.69
C THR C 112 -32.76 -39.84 1.94
N GLY C 113 -32.33 -38.82 1.22
CA GLY C 113 -30.93 -38.40 1.25
C GLY C 113 -30.69 -37.01 1.79
N CYS C 114 -29.49 -36.48 1.52
CA CYS C 114 -29.11 -35.13 1.90
C CYS C 114 -28.49 -34.40 0.71
N VAL C 115 -28.77 -33.11 0.60
CA VAL C 115 -28.24 -32.27 -0.47
C VAL C 115 -27.38 -31.18 0.17
N ILE C 116 -26.14 -31.08 -0.28
CA ILE C 116 -25.16 -30.13 0.20
C ILE C 116 -24.80 -29.22 -0.96
N ALA C 117 -24.78 -27.92 -0.72
CA ALA C 117 -24.47 -26.98 -1.79
C ALA C 117 -23.68 -25.84 -1.19
N TRP C 118 -22.58 -25.49 -1.86
CA TRP C 118 -21.76 -24.37 -1.43
C TRP C 118 -21.25 -23.57 -2.63
N ASN C 119 -20.97 -22.29 -2.38
CA ASN C 119 -20.51 -21.40 -3.42
C ASN C 119 -19.09 -21.80 -3.86
N SER C 120 -18.88 -21.88 -5.17
CA SER C 120 -17.59 -22.26 -5.74
C SER C 120 -17.09 -21.23 -6.75
N ASN C 121 -17.45 -19.95 -6.55
CA ASN C 121 -17.01 -18.90 -7.47
C ASN C 121 -15.50 -18.76 -7.50
N ASN C 122 -14.83 -19.13 -6.41
CA ASN C 122 -13.38 -18.96 -6.33
C ASN C 122 -12.62 -19.99 -7.15
N LEU C 123 -13.21 -21.16 -7.43
CA LEU C 123 -12.49 -22.24 -8.08
C LEU C 123 -13.03 -22.64 -9.43
N ASP C 124 -14.24 -22.23 -9.79
CA ASP C 124 -14.81 -22.64 -11.06
C ASP C 124 -15.07 -21.46 -12.00
N SER C 125 -14.76 -20.24 -11.59
CA SER C 125 -14.97 -19.05 -12.42
C SER C 125 -13.64 -18.39 -12.73
N LYS C 126 -13.53 -17.89 -13.96
CA LYS C 126 -12.33 -17.20 -14.37
C LYS C 126 -12.73 -16.00 -15.22
N VAL C 127 -11.90 -14.96 -15.18
CA VAL C 127 -12.14 -13.80 -16.02
C VAL C 127 -12.13 -14.25 -17.47
N GLY C 128 -13.13 -13.82 -18.24
CA GLY C 128 -13.37 -14.35 -19.55
C GLY C 128 -14.33 -15.52 -19.56
N GLY C 129 -14.76 -15.96 -18.39
CA GLY C 129 -15.72 -17.04 -18.26
C GLY C 129 -15.09 -18.42 -18.23
N ASN C 130 -15.86 -19.36 -17.70
CA ASN C 130 -15.53 -20.78 -17.75
C ASN C 130 -16.62 -21.45 -18.57
N TYR C 131 -16.24 -22.06 -19.68
CA TYR C 131 -17.18 -22.70 -20.58
C TYR C 131 -17.05 -24.22 -20.53
N ASN C 132 -16.75 -24.76 -19.36
CA ASN C 132 -16.56 -26.19 -19.18
C ASN C 132 -17.72 -26.86 -18.47
N TYR C 133 -18.44 -26.14 -17.62
CA TYR C 133 -19.62 -26.69 -16.97
C TYR C 133 -20.82 -26.41 -17.87
N LEU C 134 -21.46 -27.47 -18.34
CA LEU C 134 -22.53 -27.37 -19.32
C LEU C 134 -23.82 -27.89 -18.69
N TYR C 135 -24.95 -27.47 -19.25
CA TYR C 135 -26.23 -28.02 -18.81
C TYR C 135 -27.10 -28.30 -20.03
N ARG C 136 -27.79 -29.45 -20.00
CA ARG C 136 -28.70 -29.81 -21.08
C ARG C 136 -29.96 -28.97 -20.96
N LEU C 137 -30.16 -28.06 -21.93
CA LEU C 137 -31.31 -27.16 -21.86
C LEU C 137 -32.58 -27.78 -22.46
N PHE C 138 -32.44 -28.62 -23.48
CA PHE C 138 -33.59 -29.21 -24.16
C PHE C 138 -33.42 -30.73 -24.24
N ARG C 139 -34.46 -31.47 -23.86
CA ARG C 139 -34.52 -32.92 -24.04
C ARG C 139 -35.93 -33.31 -24.48
N LYS C 140 -36.02 -34.42 -25.21
CA LYS C 140 -37.29 -34.88 -25.75
C LYS C 140 -38.30 -35.09 -24.63
N SER C 141 -37.88 -35.74 -23.54
CA SER C 141 -38.75 -36.04 -22.41
C SER C 141 -37.99 -35.84 -21.11
N ASN C 142 -38.74 -35.76 -20.01
CA ASN C 142 -38.11 -35.59 -18.71
C ASN C 142 -37.30 -36.82 -18.33
N LEU C 143 -36.46 -36.66 -17.32
CA LEU C 143 -35.59 -37.72 -16.86
C LEU C 143 -36.23 -38.50 -15.73
N LYS C 144 -35.92 -39.80 -15.67
CA LYS C 144 -36.27 -40.64 -14.55
C LYS C 144 -35.35 -40.32 -13.37
N PRO C 145 -35.76 -40.66 -12.15
CA PRO C 145 -34.89 -40.39 -11.00
C PRO C 145 -33.51 -41.02 -11.21
N PHE C 146 -32.47 -40.25 -10.91
CA PHE C 146 -31.09 -40.69 -11.04
C PHE C 146 -30.75 -41.14 -12.46
N GLU C 147 -31.34 -40.48 -13.46
CA GLU C 147 -30.98 -40.75 -14.85
C GLU C 147 -29.96 -39.73 -15.31
N ARG C 148 -28.97 -40.20 -16.07
CA ARG C 148 -27.85 -39.37 -16.50
C ARG C 148 -27.75 -39.46 -18.02
N ASP C 149 -27.88 -38.32 -18.70
CA ASP C 149 -27.89 -38.28 -20.16
C ASP C 149 -26.75 -37.40 -20.65
N ILE C 150 -25.86 -38.00 -21.45
CA ILE C 150 -24.72 -37.32 -22.04
C ILE C 150 -24.84 -37.34 -23.56
N SER C 151 -26.08 -37.37 -24.07
CA SER C 151 -26.29 -37.38 -25.50
C SER C 151 -25.95 -36.02 -26.11
N THR C 152 -25.45 -36.06 -27.34
CA THR C 152 -25.13 -34.87 -28.11
C THR C 152 -26.05 -34.73 -29.30
N GLU C 153 -27.09 -35.57 -29.36
CA GLU C 153 -28.07 -35.51 -30.44
C GLU C 153 -28.79 -34.18 -30.43
N ILE C 154 -28.99 -33.63 -31.62
CA ILE C 154 -29.58 -32.30 -31.77
C ILE C 154 -31.08 -32.38 -31.52
N TYR C 155 -31.55 -31.63 -30.52
CA TYR C 155 -32.98 -31.55 -30.26
C TYR C 155 -33.69 -30.81 -31.38
N GLN C 156 -34.84 -31.32 -31.80
CA GLN C 156 -35.61 -30.75 -32.90
C GLN C 156 -36.99 -30.29 -32.39
N ALA C 157 -37.07 -29.04 -31.97
CA ALA C 157 -38.32 -28.44 -31.53
C ALA C 157 -39.07 -27.78 -32.67
N GLY C 158 -38.88 -28.27 -33.90
CA GLY C 158 -39.49 -27.70 -35.07
C GLY C 158 -40.34 -28.71 -35.82
N SER C 159 -41.07 -28.19 -36.81
CA SER C 159 -41.92 -29.01 -37.65
C SER C 159 -41.16 -29.67 -38.80
N THR C 160 -39.86 -29.45 -38.90
CA THR C 160 -39.04 -29.99 -39.95
C THR C 160 -37.87 -30.76 -39.37
N PRO C 161 -37.33 -31.75 -40.09
CA PRO C 161 -36.21 -32.53 -39.52
C PRO C 161 -34.93 -31.74 -39.52
N CYS C 162 -34.10 -32.01 -38.52
CA CYS C 162 -32.79 -31.38 -38.37
C CYS C 162 -31.66 -32.21 -38.94
N ASN C 163 -31.70 -33.52 -38.70
CA ASN C 163 -30.72 -34.47 -39.22
C ASN C 163 -29.29 -34.04 -38.90
N GLY C 164 -29.07 -33.71 -37.63
CA GLY C 164 -27.74 -33.55 -37.08
C GLY C 164 -27.11 -32.17 -37.15
N VAL C 165 -27.82 -31.14 -37.58
CA VAL C 165 -27.23 -29.81 -37.68
C VAL C 165 -28.22 -28.73 -37.27
N GLU C 166 -27.71 -27.73 -36.55
CA GLU C 166 -28.49 -26.60 -36.08
C GLU C 166 -29.09 -25.81 -37.25
N GLY C 167 -30.16 -25.10 -36.95
CA GLY C 167 -30.85 -24.30 -37.95
C GLY C 167 -32.07 -23.64 -37.34
N PHE C 168 -33.02 -23.29 -38.21
CA PHE C 168 -34.26 -22.68 -37.74
C PHE C 168 -35.06 -23.74 -37.00
N ASN C 169 -35.29 -23.50 -35.70
CA ASN C 169 -35.99 -24.43 -34.82
C ASN C 169 -35.22 -25.73 -34.61
N CYS C 170 -33.91 -25.71 -34.83
CA CYS C 170 -33.04 -26.87 -34.66
C CYS C 170 -31.91 -26.50 -33.70
N TYR C 171 -31.96 -27.03 -32.49
CA TYR C 171 -31.10 -26.56 -31.41
C TYR C 171 -30.16 -27.67 -30.93
N PHE C 172 -28.93 -27.27 -30.60
CA PHE C 172 -27.98 -28.13 -29.91
C PHE C 172 -28.33 -28.17 -28.42
N PRO C 173 -28.50 -29.35 -27.82
CA PRO C 173 -29.10 -29.42 -26.46
C PRO C 173 -28.28 -28.75 -25.38
N LEU C 174 -26.97 -28.99 -25.33
CA LEU C 174 -26.14 -28.48 -24.24
C LEU C 174 -25.84 -27.00 -24.42
N GLN C 175 -26.04 -26.22 -23.35
CA GLN C 175 -25.64 -24.81 -23.31
C GLN C 175 -24.60 -24.64 -22.23
N SER C 176 -23.52 -23.93 -22.57
CA SER C 176 -22.46 -23.65 -21.62
C SER C 176 -22.93 -22.64 -20.58
N TYR C 177 -22.56 -22.88 -19.33
CA TYR C 177 -22.94 -21.97 -18.25
C TYR C 177 -22.24 -20.63 -18.41
N GLY C 178 -20.92 -20.66 -18.61
CA GLY C 178 -20.15 -19.45 -18.76
C GLY C 178 -20.03 -18.66 -17.47
N PHE C 179 -19.49 -19.29 -16.43
CA PHE C 179 -19.34 -18.61 -15.15
C PHE C 179 -18.22 -17.58 -15.22
N GLN C 180 -18.52 -16.35 -14.76
CA GLN C 180 -17.53 -15.30 -14.64
C GLN C 180 -17.54 -14.78 -13.21
N PRO C 181 -16.37 -14.41 -12.67
CA PRO C 181 -16.32 -13.98 -11.27
C PRO C 181 -17.18 -12.77 -10.97
N THR C 182 -17.44 -11.92 -11.96
CA THR C 182 -18.25 -10.72 -11.76
C THR C 182 -19.74 -10.97 -11.90
N ASN C 183 -20.17 -12.22 -12.04
CA ASN C 183 -21.59 -12.49 -12.16
C ASN C 183 -22.30 -12.27 -10.83
N GLY C 184 -23.62 -12.16 -10.91
CA GLY C 184 -24.43 -12.07 -9.71
C GLY C 184 -24.41 -13.36 -8.91
N VAL C 185 -24.72 -13.22 -7.62
CA VAL C 185 -24.68 -14.37 -6.73
C VAL C 185 -25.65 -15.44 -7.22
N GLY C 186 -26.79 -15.03 -7.78
CA GLY C 186 -27.73 -15.98 -8.33
C GLY C 186 -27.21 -16.75 -9.52
N TYR C 187 -26.21 -16.21 -10.22
CA TYR C 187 -25.66 -16.84 -11.41
C TYR C 187 -24.28 -17.45 -11.18
N GLN C 188 -23.70 -17.25 -10.01
CA GLN C 188 -22.39 -17.81 -9.70
C GLN C 188 -22.46 -19.34 -9.58
N PRO C 189 -21.39 -20.04 -9.92
CA PRO C 189 -21.39 -21.51 -9.82
C PRO C 189 -21.39 -22.00 -8.39
N TYR C 190 -22.26 -22.97 -8.11
CA TYR C 190 -22.35 -23.61 -6.81
C TYR C 190 -22.11 -25.11 -6.99
N ARG C 191 -21.20 -25.66 -6.17
CA ARG C 191 -20.96 -27.10 -6.15
C ARG C 191 -21.95 -27.82 -5.24
N VAL C 192 -22.46 -28.94 -5.74
CA VAL C 192 -23.54 -29.69 -5.10
C VAL C 192 -23.12 -31.14 -4.97
N VAL C 193 -23.41 -31.71 -3.78
CA VAL C 193 -23.23 -33.12 -3.48
C VAL C 193 -24.55 -33.67 -2.94
N VAL C 194 -25.03 -34.73 -3.57
CA VAL C 194 -26.26 -35.40 -3.15
C VAL C 194 -25.90 -36.77 -2.61
N LEU C 195 -26.33 -37.06 -1.40
CA LEU C 195 -26.08 -38.33 -0.74
C LEU C 195 -27.40 -39.10 -0.70
N SER C 196 -27.44 -40.21 -1.42
CA SER C 196 -28.60 -41.09 -1.44
C SER C 196 -28.25 -42.34 -0.65
N PHE C 197 -29.01 -42.59 0.42
CA PHE C 197 -28.74 -43.72 1.31
C PHE C 197 -30.05 -44.29 1.82
N GLU C 198 -30.01 -45.55 2.24
CA GLU C 198 -31.13 -46.24 2.85
C GLU C 198 -30.89 -46.34 4.36
N LEU C 199 -31.82 -45.82 5.15
CA LEU C 199 -31.74 -45.96 6.59
C LEU C 199 -31.80 -47.44 6.95
N LEU C 200 -31.07 -47.82 7.99
CA LEU C 200 -31.08 -49.20 8.44
C LEU C 200 -31.21 -49.24 9.95
N HIS C 201 -32.19 -49.99 10.44
CA HIS C 201 -32.38 -50.19 11.87
C HIS C 201 -32.23 -51.66 12.21
N ALA C 202 -31.48 -52.40 11.39
CA ALA C 202 -31.39 -53.84 11.55
C ALA C 202 -30.78 -54.23 12.89
N PRO C 203 -29.61 -53.71 13.30
CA PRO C 203 -29.19 -53.97 14.69
C PRO C 203 -29.81 -52.95 15.64
N ALA C 204 -30.69 -53.40 16.53
CA ALA C 204 -31.40 -52.49 17.41
C ALA C 204 -30.47 -51.80 18.39
N THR C 205 -29.41 -52.49 18.83
CA THR C 205 -28.56 -51.97 19.89
C THR C 205 -27.73 -50.78 19.42
N VAL C 206 -27.04 -50.92 18.28
CA VAL C 206 -26.18 -49.83 17.81
C VAL C 206 -27.00 -48.74 17.13
N CYS C 207 -27.98 -49.11 16.30
CA CYS C 207 -28.74 -48.16 15.51
C CYS C 207 -30.23 -48.21 15.80
N GLY C 208 -30.80 -47.06 16.15
CA GLY C 208 -32.21 -46.94 16.51
C GLY C 208 -32.72 -47.91 17.55
N ASN D 13 27.04 57.86 10.09
CA ASN D 13 26.94 57.37 8.71
C ASN D 13 25.92 56.26 8.59
N ILE D 14 26.38 55.03 8.78
CA ILE D 14 25.55 53.83 8.64
C ILE D 14 24.86 53.57 9.97
N THR D 15 23.53 53.58 9.96
CA THR D 15 22.76 53.15 11.13
C THR D 15 22.98 51.66 11.39
N ASN D 16 23.04 51.29 12.66
CA ASN D 16 23.34 49.92 13.07
C ASN D 16 22.19 49.35 13.89
N LEU D 17 22.34 48.07 14.27
CA LEU D 17 21.32 47.33 14.99
C LEU D 17 21.67 47.26 16.46
N CYS D 18 20.67 47.47 17.31
CA CYS D 18 20.86 47.38 18.75
C CYS D 18 21.18 45.94 19.13
N PRO D 19 22.35 45.67 19.70
CA PRO D 19 22.71 44.28 20.00
C PRO D 19 22.00 43.73 21.24
N PHE D 20 20.70 43.44 21.10
CA PHE D 20 19.99 42.74 22.16
C PHE D 20 20.52 41.32 22.33
N GLY D 21 20.88 40.66 21.22
CA GLY D 21 21.42 39.31 21.28
C GLY D 21 22.61 39.18 22.21
N GLU D 22 23.39 40.25 22.38
CA GLU D 22 24.47 40.27 23.37
C GLU D 22 23.93 40.35 24.78
N VAL D 23 22.70 40.85 24.97
CA VAL D 23 22.13 41.00 26.30
C VAL D 23 21.39 39.74 26.73
N PHE D 24 20.54 39.19 25.86
CA PHE D 24 19.66 38.07 26.22
C PHE D 24 20.31 36.72 25.96
N ASN D 25 20.75 36.49 24.73
CA ASN D 25 21.43 35.22 24.40
C ASN D 25 22.82 35.10 25.01
N ALA D 26 23.15 36.01 25.93
CA ALA D 26 24.46 36.01 26.59
C ALA D 26 24.71 34.70 27.32
N THR D 27 26.00 34.40 27.52
CA THR D 27 26.39 33.14 28.14
C THR D 27 26.00 33.10 29.62
N ARG D 28 26.51 34.03 30.41
CA ARG D 28 26.31 34.03 31.86
C ARG D 28 25.80 35.39 32.32
N PHE D 29 24.69 35.39 33.07
CA PHE D 29 24.12 36.60 33.64
C PHE D 29 24.80 36.94 34.97
N ALA D 30 24.82 38.22 35.28
CA ALA D 30 25.36 38.66 36.57
C ALA D 30 24.35 38.43 37.68
N SER D 31 24.87 38.29 38.90
CA SER D 31 24.01 38.16 40.06
C SER D 31 23.22 39.44 40.28
N VAL D 32 22.10 39.31 40.99
CA VAL D 32 21.13 40.41 41.05
C VAL D 32 21.69 41.61 41.81
N TYR D 33 22.41 41.37 42.91
CA TYR D 33 22.98 42.49 43.66
C TYR D 33 24.03 43.24 42.86
N ALA D 34 24.53 42.66 41.78
CA ALA D 34 25.55 43.25 40.92
C ALA D 34 25.09 43.21 39.47
N TRP D 35 23.86 43.67 39.23
CA TRP D 35 23.25 43.63 37.91
C TRP D 35 24.12 44.33 36.86
N ASN D 36 24.24 43.71 35.69
CA ASN D 36 25.08 44.25 34.63
C ASN D 36 24.30 45.23 33.78
N ARG D 37 24.85 46.44 33.64
CA ARG D 37 24.19 47.51 32.90
C ARG D 37 24.95 47.78 31.61
N LYS D 38 24.23 47.85 30.49
CA LYS D 38 24.80 48.24 29.21
C LYS D 38 23.96 49.36 28.61
N ARG D 39 24.64 50.37 28.07
CA ARG D 39 23.95 51.48 27.40
C ARG D 39 23.65 51.12 25.96
N ILE D 40 22.47 51.52 25.49
CA ILE D 40 22.02 51.28 24.12
C ILE D 40 21.77 52.62 23.46
N SER D 41 22.41 52.85 22.31
CA SER D 41 22.30 54.11 21.59
C SER D 41 22.81 53.92 20.16
N ASN D 42 22.55 54.93 19.32
CA ASN D 42 23.10 54.98 17.96
C ASN D 42 22.73 53.75 17.14
N CYS D 43 21.53 53.24 17.36
CA CYS D 43 21.14 51.97 16.76
C CYS D 43 19.63 51.90 16.62
N VAL D 44 19.18 50.93 15.83
CA VAL D 44 17.77 50.65 15.68
C VAL D 44 17.40 49.45 16.54
N ALA D 45 16.31 49.58 17.29
CA ALA D 45 15.83 48.51 18.16
C ALA D 45 14.58 47.92 17.54
N ASP D 46 14.54 46.59 17.45
CA ASP D 46 13.39 45.88 16.93
C ASP D 46 12.78 45.09 18.07
N TYR D 47 11.77 45.67 18.72
CA TYR D 47 11.11 45.00 19.83
C TYR D 47 10.24 43.85 19.37
N SER D 48 9.94 43.75 18.08
CA SER D 48 9.10 42.67 17.59
C SER D 48 9.78 41.31 17.75
N VAL D 49 11.10 41.24 17.56
CA VAL D 49 11.78 39.95 17.59
C VAL D 49 11.76 39.35 18.99
N LEU D 50 11.78 40.19 20.03
CA LEU D 50 11.82 39.66 21.38
C LEU D 50 10.50 39.02 21.77
N TYR D 51 9.39 39.76 21.64
CA TYR D 51 8.11 39.14 21.98
C TYR D 51 7.62 38.16 20.92
N ASN D 52 8.27 38.08 19.76
CA ASN D 52 8.02 37.01 18.80
C ASN D 52 8.87 35.77 19.05
N SER D 53 9.96 35.89 19.82
CA SER D 53 10.64 34.69 20.30
C SER D 53 9.72 33.81 21.12
N ALA D 54 8.73 34.41 21.79
CA ALA D 54 7.58 33.75 22.40
C ALA D 54 7.96 32.73 23.48
N SER D 55 9.22 32.69 23.89
CA SER D 55 9.65 31.82 24.98
C SER D 55 9.62 32.53 26.33
N PHE D 56 9.23 33.79 26.35
CA PHE D 56 9.34 34.62 27.54
C PHE D 56 8.09 34.49 28.40
N SER D 57 8.31 34.43 29.73
CA SER D 57 7.24 34.19 30.69
C SER D 57 6.59 35.46 31.22
N THR D 58 7.31 36.58 31.20
CA THR D 58 6.77 37.86 31.67
C THR D 58 7.39 38.97 30.84
N PHE D 59 6.58 39.61 29.99
CA PHE D 59 7.02 40.71 29.13
C PHE D 59 6.05 41.86 29.38
N LYS D 60 6.35 42.69 30.38
CA LYS D 60 5.40 43.72 30.79
C LYS D 60 6.06 45.09 30.79
N CYS D 61 5.31 46.09 30.35
CA CYS D 61 5.85 47.43 30.13
C CYS D 61 5.05 48.46 30.93
N TYR D 62 5.74 49.50 31.36
CA TYR D 62 5.21 50.53 32.23
C TYR D 62 5.48 51.88 31.57
N GLY D 63 4.41 52.58 31.20
CA GLY D 63 4.49 53.82 30.46
C GLY D 63 4.17 53.71 28.98
N VAL D 64 4.30 52.51 28.41
CA VAL D 64 4.06 52.28 26.99
C VAL D 64 3.51 50.88 26.83
N SER D 65 2.52 50.73 25.96
CA SER D 65 2.03 49.41 25.61
C SER D 65 3.12 48.66 24.84
N PRO D 66 3.39 47.39 25.17
CA PRO D 66 4.45 46.66 24.48
C PRO D 66 4.12 46.37 23.02
N THR D 67 2.84 46.24 22.68
CA THR D 67 2.45 46.08 21.29
C THR D 67 2.86 47.30 20.46
N LYS D 68 2.60 48.50 20.98
CA LYS D 68 2.94 49.75 20.29
C LYS D 68 4.32 50.27 20.69
N LEU D 69 5.22 49.39 21.12
CA LEU D 69 6.54 49.84 21.53
C LEU D 69 7.42 50.15 20.33
N ASN D 70 7.33 49.33 19.28
CA ASN D 70 8.33 49.34 18.23
C ASN D 70 8.27 50.59 17.36
N ASP D 71 7.14 51.30 17.31
CA ASP D 71 7.00 52.45 16.43
C ASP D 71 7.33 53.77 17.12
N LEU D 72 8.24 53.74 18.10
CA LEU D 72 8.59 54.91 18.87
C LEU D 72 10.09 55.08 18.88
N CYS D 73 10.54 56.29 19.20
CA CYS D 73 11.96 56.61 19.30
C CYS D 73 12.31 57.01 20.73
N PHE D 74 13.44 56.50 21.22
CA PHE D 74 13.80 56.57 22.62
C PHE D 74 15.21 57.10 22.79
N THR D 75 15.50 57.61 24.00
CA THR D 75 16.83 58.04 24.37
C THR D 75 17.12 57.57 25.79
N ASN D 76 18.41 57.59 26.17
CA ASN D 76 18.84 57.19 27.51
C ASN D 76 18.46 55.75 27.81
N VAL D 77 18.78 54.85 26.89
CA VAL D 77 18.37 53.46 27.03
C VAL D 77 19.43 52.71 27.84
N TYR D 78 19.01 52.18 28.98
CA TYR D 78 19.85 51.38 29.85
C TYR D 78 19.24 50.00 29.95
N ALA D 79 20.02 48.96 29.64
CA ALA D 79 19.59 47.57 29.76
C ALA D 79 20.32 46.96 30.94
N ASP D 80 19.56 46.59 31.97
CA ASP D 80 20.08 45.95 33.17
C ASP D 80 19.69 44.47 33.14
N SER D 81 20.66 43.60 33.40
CA SER D 81 20.46 42.17 33.34
C SER D 81 20.92 41.52 34.65
N PHE D 82 20.10 40.60 35.15
CA PHE D 82 20.43 39.83 36.36
C PHE D 82 19.56 38.59 36.41
N VAL D 83 19.70 37.83 37.50
CA VAL D 83 18.96 36.59 37.71
C VAL D 83 18.42 36.55 39.13
N ILE D 84 17.15 36.18 39.26
CA ILE D 84 16.46 36.04 40.54
C ILE D 84 15.58 34.78 40.49
N ARG D 85 14.95 34.47 41.62
CA ARG D 85 13.96 33.40 41.67
C ARG D 85 12.63 33.88 41.12
N GLY D 86 11.86 32.94 40.57
CA GLY D 86 10.58 33.28 39.96
C GLY D 86 9.64 33.98 40.93
N ASP D 87 9.60 33.53 42.19
CA ASP D 87 8.76 34.16 43.19
C ASP D 87 9.09 35.63 43.37
N GLU D 88 10.33 36.01 43.09
CA GLU D 88 10.78 37.39 43.25
C GLU D 88 10.62 38.20 41.97
N VAL D 89 10.11 37.58 40.90
CA VAL D 89 9.91 38.29 39.64
C VAL D 89 9.00 39.50 39.85
N ARG D 90 7.88 39.30 40.55
CA ARG D 90 6.93 40.39 40.78
C ARG D 90 7.53 41.54 41.59
N GLN D 91 8.77 41.39 42.09
CA GLN D 91 9.39 42.47 42.83
C GLN D 91 10.01 43.52 41.91
N ILE D 92 10.29 43.17 40.65
CA ILE D 92 11.00 44.05 39.73
C ILE D 92 9.94 44.96 39.10
N ALA D 93 9.62 46.04 39.79
CA ALA D 93 8.54 46.94 39.42
C ALA D 93 8.65 48.19 40.29
N PRO D 94 7.98 49.29 39.92
CA PRO D 94 8.07 50.49 40.76
C PRO D 94 7.28 50.34 42.05
N GLY D 95 7.86 50.82 43.13
CA GLY D 95 7.17 50.86 44.41
C GLY D 95 6.97 49.53 45.10
N GLN D 96 7.49 48.43 44.56
CA GLN D 96 7.34 47.14 45.23
C GLN D 96 8.25 47.07 46.46
N THR D 97 7.77 46.37 47.49
CA THR D 97 8.56 46.15 48.70
C THR D 97 8.67 44.65 48.95
N GLY D 98 9.84 44.10 48.63
CA GLY D 98 10.14 42.71 48.92
C GLY D 98 11.60 42.51 49.28
N LYS D 99 12.01 41.25 49.44
CA LYS D 99 13.41 40.97 49.76
C LYS D 99 14.35 41.62 48.74
N ILE D 100 14.16 41.30 47.46
CA ILE D 100 15.10 41.74 46.43
C ILE D 100 14.97 43.23 46.17
N ALA D 101 13.74 43.72 46.00
CA ALA D 101 13.53 45.10 45.59
C ALA D 101 14.06 46.09 46.62
N ASP D 102 13.99 45.73 47.90
CA ASP D 102 14.42 46.67 48.93
C ASP D 102 15.94 46.78 48.98
N TYR D 103 16.66 45.68 48.77
CA TYR D 103 18.08 45.62 49.06
C TYR D 103 19.00 45.33 47.87
N ASN D 104 18.48 44.93 46.71
CA ASN D 104 19.33 44.58 45.57
C ASN D 104 19.14 45.50 44.37
N TYR D 105 17.93 45.59 43.84
CA TYR D 105 17.67 46.37 42.63
C TYR D 105 16.38 47.14 42.81
N LYS D 106 16.46 48.47 42.76
CA LYS D 106 15.32 49.35 43.02
C LYS D 106 14.99 50.13 41.76
N LEU D 107 13.76 50.01 41.30
CA LEU D 107 13.28 50.82 40.19
C LEU D 107 12.72 52.15 40.70
N PRO D 108 12.93 53.23 39.97
CA PRO D 108 12.42 54.53 40.41
C PRO D 108 10.90 54.56 40.43
N ASP D 109 10.37 55.61 41.08
CA ASP D 109 8.92 55.76 41.17
C ASP D 109 8.33 56.16 39.82
N ASP D 110 9.02 57.04 39.09
CA ASP D 110 8.57 57.50 37.78
C ASP D 110 9.21 56.67 36.67
N PHE D 111 9.00 55.35 36.75
CA PHE D 111 9.62 54.42 35.81
C PHE D 111 8.87 54.37 34.51
N THR D 112 9.62 54.41 33.41
CA THR D 112 9.09 54.34 32.05
C THR D 112 9.96 53.35 31.28
N GLY D 113 9.57 52.07 31.29
CA GLY D 113 10.41 51.08 30.64
C GLY D 113 9.74 49.73 30.59
N CYS D 114 10.54 48.72 30.24
CA CYS D 114 10.00 47.38 30.06
C CYS D 114 10.81 46.33 30.80
N VAL D 115 10.11 45.32 31.31
CA VAL D 115 10.70 44.24 32.08
C VAL D 115 10.45 42.93 31.35
N ILE D 116 11.51 42.21 31.04
CA ILE D 116 11.46 40.92 30.36
C ILE D 116 12.03 39.87 31.30
N ALA D 117 11.34 38.73 31.42
CA ALA D 117 11.76 37.69 32.33
C ALA D 117 11.29 36.35 31.80
N TRP D 118 12.14 35.34 31.93
CA TRP D 118 11.82 34.01 31.43
C TRP D 118 12.62 32.98 32.21
N ASN D 119 11.99 31.82 32.40
CA ASN D 119 12.63 30.74 33.15
C ASN D 119 13.93 30.32 32.48
N SER D 120 14.94 30.07 33.30
CA SER D 120 16.24 29.62 32.84
C SER D 120 16.63 28.30 33.50
N ASN D 121 15.64 27.49 33.89
CA ASN D 121 15.89 26.29 34.69
C ASN D 121 16.72 25.26 33.93
N ASN D 122 16.70 25.31 32.59
CA ASN D 122 17.46 24.37 31.78
C ASN D 122 18.93 24.75 31.60
N LEU D 123 19.31 25.98 31.94
CA LEU D 123 20.69 26.43 31.76
C LEU D 123 21.33 27.01 33.01
N ASP D 124 20.56 27.42 34.00
CA ASP D 124 21.13 27.98 35.23
C ASP D 124 21.16 26.96 36.37
N SER D 125 20.16 26.10 36.50
CA SER D 125 20.23 25.03 37.48
C SER D 125 21.10 23.89 36.95
N LYS D 126 21.69 23.15 37.87
CA LYS D 126 22.55 22.03 37.49
C LYS D 126 22.41 20.93 38.54
N VAL D 127 23.24 19.90 38.42
CA VAL D 127 23.26 18.82 39.40
C VAL D 127 23.75 19.36 40.73
N GLY D 128 22.93 19.20 41.78
CA GLY D 128 23.27 19.71 43.08
C GLY D 128 22.98 21.18 43.28
N GLY D 129 22.64 21.91 42.23
CA GLY D 129 22.32 23.31 42.35
C GLY D 129 23.47 24.23 41.98
N ASN D 130 23.16 25.28 41.22
CA ASN D 130 24.14 26.32 40.94
C ASN D 130 24.02 27.37 42.04
N TYR D 131 25.06 27.46 42.85
CA TYR D 131 25.13 28.42 43.95
C TYR D 131 25.96 29.63 43.60
N ASN D 132 25.92 30.05 42.33
CA ASN D 132 26.70 31.17 41.83
C ASN D 132 25.90 32.45 41.71
N TYR D 133 24.59 32.42 41.90
CA TYR D 133 23.75 33.61 41.84
C TYR D 133 23.41 34.05 43.26
N LEU D 134 23.79 35.26 43.61
CA LEU D 134 23.71 35.74 44.98
C LEU D 134 22.80 36.96 45.05
N TYR D 135 22.14 37.12 46.20
CA TYR D 135 21.33 38.31 46.48
C TYR D 135 21.71 38.89 47.82
N ARG D 136 21.62 40.22 47.92
CA ARG D 136 21.97 40.93 49.14
C ARG D 136 20.80 40.82 50.11
N LEU D 137 21.02 40.14 51.23
CA LEU D 137 19.94 39.72 52.12
C LEU D 137 19.45 40.86 53.02
N PHE D 138 20.37 41.64 53.58
CA PHE D 138 20.02 42.73 54.49
C PHE D 138 20.86 43.96 54.15
N ARG D 139 20.44 45.10 54.68
CA ARG D 139 21.21 46.33 54.57
C ARG D 139 20.73 47.30 55.64
N LYS D 140 21.62 48.22 56.00
CA LYS D 140 21.30 49.21 57.03
C LYS D 140 20.08 50.05 56.62
N SER D 141 20.10 50.58 55.40
CA SER D 141 19.01 51.36 54.86
C SER D 141 18.69 50.88 53.45
N ASN D 142 17.51 51.25 52.97
CA ASN D 142 17.05 50.82 51.65
C ASN D 142 17.91 51.46 50.57
N LEU D 143 17.73 50.98 49.33
CA LEU D 143 18.49 51.48 48.21
C LEU D 143 17.73 52.58 47.49
N LYS D 144 18.46 53.61 47.06
CA LYS D 144 17.91 54.59 46.15
C LYS D 144 17.66 53.93 44.80
N PRO D 145 16.75 54.49 43.98
CA PRO D 145 16.49 53.89 42.68
C PRO D 145 17.76 53.73 41.87
N PHE D 146 17.89 52.59 41.19
CA PHE D 146 19.02 52.29 40.32
C PHE D 146 20.35 52.30 41.08
N GLU D 147 20.32 52.01 42.37
CA GLU D 147 21.54 51.99 43.17
C GLU D 147 22.10 50.58 43.21
N ARG D 148 23.43 50.49 43.20
CA ARG D 148 24.15 49.23 43.14
C ARG D 148 25.08 49.17 44.35
N ASP D 149 24.89 48.17 45.20
CA ASP D 149 25.73 47.98 46.36
C ASP D 149 26.39 46.61 46.28
N ILE D 150 27.71 46.58 46.46
CA ILE D 150 28.45 45.33 46.41
C ILE D 150 29.35 45.21 47.64
N SER D 151 29.03 45.94 48.70
CA SER D 151 29.80 45.85 49.93
C SER D 151 29.63 44.48 50.57
N THR D 152 30.70 44.02 51.23
CA THR D 152 30.74 42.69 51.81
C THR D 152 30.75 42.70 53.33
N GLU D 153 30.57 43.86 53.95
CA GLU D 153 30.67 43.97 55.40
C GLU D 153 29.40 43.42 56.05
N ILE D 154 29.57 42.81 57.23
CA ILE D 154 28.55 41.96 57.82
C ILE D 154 27.49 42.79 58.53
N TYR D 155 26.23 42.53 58.18
CA TYR D 155 25.10 43.13 58.86
C TYR D 155 24.89 42.47 60.22
N GLN D 156 24.57 43.27 61.23
CA GLN D 156 24.23 42.78 62.55
C GLN D 156 22.71 42.81 62.72
N ALA D 157 22.10 41.63 62.88
CA ALA D 157 20.68 41.58 63.17
C ALA D 157 20.42 41.76 64.66
N GLY D 158 21.06 40.93 65.47
CA GLY D 158 20.86 40.99 66.91
C GLY D 158 21.55 42.19 67.54
N SER D 159 21.07 42.53 68.73
CA SER D 159 21.66 43.64 69.50
C SER D 159 23.16 43.45 69.70
N THR D 160 23.59 42.21 69.88
CA THR D 160 25.02 41.92 70.04
C THR D 160 25.79 42.36 68.81
N PRO D 161 26.78 43.24 68.93
CA PRO D 161 27.55 43.66 67.76
C PRO D 161 28.35 42.50 67.18
N CYS D 162 28.77 42.70 65.93
CA CYS D 162 29.47 41.65 65.21
C CYS D 162 30.98 41.70 65.35
N ASN D 163 31.55 42.86 65.62
CA ASN D 163 33.00 42.99 65.78
C ASN D 163 33.73 42.39 64.57
N GLY D 164 33.15 42.60 63.39
CA GLY D 164 33.75 42.14 62.14
C GLY D 164 34.06 40.66 62.09
N VAL D 165 33.10 39.83 62.51
CA VAL D 165 33.22 38.39 62.39
C VAL D 165 31.83 37.79 62.29
N GLU D 166 31.71 36.73 61.50
CA GLU D 166 30.46 35.99 61.36
C GLU D 166 30.08 35.35 62.69
N GLY D 167 28.78 35.11 62.87
CA GLY D 167 28.33 34.45 64.09
C GLY D 167 26.82 34.47 64.22
N PHE D 168 26.37 34.26 65.46
CA PHE D 168 24.94 34.24 65.75
C PHE D 168 24.37 35.65 65.66
N ASN D 169 23.30 35.79 64.87
CA ASN D 169 22.68 37.08 64.59
C ASN D 169 23.67 38.07 63.99
N CYS D 170 24.77 37.56 63.44
CA CYS D 170 25.77 38.33 62.72
C CYS D 170 25.93 37.64 61.37
N TYR D 171 25.19 38.13 60.38
CA TYR D 171 25.04 37.47 59.10
C TYR D 171 26.05 38.00 58.08
N PHE D 172 26.32 37.17 57.09
CA PHE D 172 27.09 37.56 55.92
C PHE D 172 26.13 38.05 54.84
N PRO D 173 26.27 39.28 54.33
CA PRO D 173 25.14 39.92 53.64
C PRO D 173 24.68 39.20 52.37
N LEU D 174 25.59 38.63 51.59
CA LEU D 174 25.22 38.02 50.32
C LEU D 174 24.89 36.55 50.53
N GLN D 175 23.67 36.17 50.18
CA GLN D 175 23.18 34.80 50.31
C GLN D 175 23.03 34.17 48.92
N SER D 176 23.44 32.91 48.81
CA SER D 176 23.37 32.21 47.53
C SER D 176 21.96 31.73 47.24
N TYR D 177 21.56 31.83 45.97
CA TYR D 177 20.25 31.34 45.55
C TYR D 177 20.20 29.81 45.55
N GLY D 178 21.13 29.17 44.84
CA GLY D 178 21.15 27.72 44.75
C GLY D 178 19.96 27.12 44.04
N PHE D 179 19.87 27.33 42.73
CA PHE D 179 18.76 26.78 41.96
C PHE D 179 19.05 25.33 41.60
N GLN D 180 18.10 24.47 41.89
CA GLN D 180 18.15 23.07 41.53
C GLN D 180 17.06 22.78 40.50
N PRO D 181 17.30 21.88 39.55
CA PRO D 181 16.31 21.67 38.48
C PRO D 181 14.97 21.15 38.99
N THR D 182 14.98 20.47 40.13
CA THR D 182 13.77 19.89 40.70
C THR D 182 12.98 20.89 41.54
N ASN D 183 13.40 22.15 41.60
CA ASN D 183 12.70 23.15 42.41
C ASN D 183 11.27 23.35 41.93
N GLY D 184 10.49 24.04 42.76
CA GLY D 184 9.21 24.55 42.31
C GLY D 184 9.40 25.71 41.35
N VAL D 185 8.32 26.05 40.65
CA VAL D 185 8.40 27.11 39.65
C VAL D 185 8.76 28.45 40.30
N GLY D 186 8.27 28.68 41.52
CA GLY D 186 8.57 29.93 42.20
C GLY D 186 10.01 30.05 42.65
N TYR D 187 10.68 28.92 42.89
CA TYR D 187 12.08 28.90 43.27
C TYR D 187 13.01 28.72 42.09
N GLN D 188 12.48 28.53 40.88
CA GLN D 188 13.32 28.35 39.71
C GLN D 188 13.97 29.66 39.28
N PRO D 189 15.12 29.60 38.61
CA PRO D 189 15.80 30.82 38.18
C PRO D 189 15.16 31.41 36.93
N TYR D 190 14.80 32.68 37.00
CA TYR D 190 14.32 33.42 35.84
C TYR D 190 15.31 34.53 35.54
N ARG D 191 15.72 34.63 34.28
CA ARG D 191 16.62 35.70 33.85
C ARG D 191 15.80 36.96 33.58
N VAL D 192 16.26 38.10 34.09
CA VAL D 192 15.50 39.34 34.05
C VAL D 192 16.33 40.43 33.38
N VAL D 193 15.69 41.20 32.50
CA VAL D 193 16.27 42.33 31.81
C VAL D 193 15.31 43.51 31.89
N VAL D 194 15.79 44.63 32.42
CA VAL D 194 15.01 45.84 32.62
C VAL D 194 15.55 46.92 31.69
N LEU D 195 14.68 47.46 30.84
CA LEU D 195 15.02 48.50 29.87
C LEU D 195 14.43 49.80 30.37
N SER D 196 15.30 50.73 30.77
CA SER D 196 14.92 52.04 31.25
C SER D 196 15.31 53.10 30.23
N PHE D 197 14.33 53.92 29.83
CA PHE D 197 14.57 54.86 28.74
C PHE D 197 13.51 55.95 28.79
N GLU D 198 13.75 57.01 28.03
CA GLU D 198 12.84 58.16 27.93
C GLU D 198 12.36 58.32 26.50
N LEU D 199 11.04 58.41 26.34
CA LEU D 199 10.47 58.60 25.01
C LEU D 199 10.82 59.98 24.46
N LEU D 200 11.08 60.06 23.16
CA LEU D 200 11.34 61.33 22.50
C LEU D 200 10.34 61.51 21.36
N HIS D 201 10.22 62.76 20.89
CA HIS D 201 9.35 63.06 19.75
C HIS D 201 9.95 64.11 18.82
N ALA D 202 11.29 64.20 18.76
CA ALA D 202 11.98 65.27 18.05
C ALA D 202 11.72 65.26 16.53
N PRO D 203 11.77 64.10 15.85
CA PRO D 203 11.35 64.07 14.44
C PRO D 203 9.82 64.11 14.33
N ALA D 204 9.28 65.33 14.29
CA ALA D 204 7.87 65.61 14.61
C ALA D 204 6.91 64.53 14.14
N THR D 205 6.94 64.17 12.86
CA THR D 205 5.99 63.21 12.33
C THR D 205 6.47 61.76 12.44
N VAL D 206 7.75 61.55 12.74
CA VAL D 206 8.25 60.19 12.88
C VAL D 206 7.74 59.56 14.18
N CYS D 207 7.87 60.28 15.29
CA CYS D 207 7.39 59.84 16.60
C CYS D 207 6.37 60.84 17.11
N GLY D 208 5.12 60.40 17.23
CA GLY D 208 4.05 61.27 17.67
C GLY D 208 3.50 60.90 19.03
N PRO D 209 3.34 61.90 19.90
CA PRO D 209 2.84 61.63 21.25
C PRO D 209 1.34 61.36 21.25
N LYS D 210 0.86 60.84 22.38
CA LYS D 210 -0.55 60.50 22.51
C LYS D 210 -1.40 61.76 22.53
N LYS D 211 -2.44 61.79 21.69
CA LYS D 211 -3.39 62.89 21.63
C LYS D 211 -4.75 62.44 22.15
N SER D 212 -5.51 63.38 22.72
CA SER D 212 -6.86 63.10 23.20
C SER D 212 -7.60 64.42 23.38
N THR D 213 -8.72 64.58 22.67
CA THR D 213 -9.48 65.83 22.69
C THR D 213 -10.90 65.61 23.19
N ASN D 214 -11.77 66.59 22.95
CA ASN D 214 -13.20 66.48 23.25
C ASN D 214 -14.05 67.10 22.13
N THR E 15 -35.40 5.77 -62.43
CA THR E 15 -36.72 5.76 -61.82
C THR E 15 -36.94 4.50 -60.97
N ASN E 16 -36.26 4.45 -59.82
CA ASN E 16 -36.37 3.34 -58.88
C ASN E 16 -36.08 3.83 -57.48
N LEU E 17 -37.00 3.54 -56.55
CA LEU E 17 -36.79 3.82 -55.14
C LEU E 17 -36.05 2.65 -54.51
N CYS E 18 -35.01 2.95 -53.75
CA CYS E 18 -34.30 1.89 -53.06
C CYS E 18 -35.23 1.22 -52.07
N PRO E 19 -35.40 -0.09 -52.13
CA PRO E 19 -36.41 -0.77 -51.31
C PRO E 19 -35.98 -0.92 -49.85
N PHE E 20 -35.92 0.22 -49.15
CA PHE E 20 -35.59 0.21 -47.73
C PHE E 20 -36.62 -0.59 -46.94
N GLY E 21 -37.88 -0.53 -47.36
CA GLY E 21 -38.92 -1.26 -46.66
C GLY E 21 -38.66 -2.75 -46.55
N GLU E 22 -38.18 -3.37 -47.62
CA GLU E 22 -37.98 -4.83 -47.57
C GLU E 22 -36.82 -5.24 -46.67
N VAL E 23 -35.95 -4.31 -46.25
CA VAL E 23 -34.88 -4.64 -45.34
C VAL E 23 -35.15 -4.16 -43.91
N PHE E 24 -36.05 -3.20 -43.72
CA PHE E 24 -36.40 -2.69 -42.41
C PHE E 24 -37.73 -3.22 -41.91
N ASN E 25 -38.79 -3.05 -42.69
CA ASN E 25 -40.04 -3.76 -42.45
C ASN E 25 -39.93 -5.18 -42.99
N ALA E 26 -38.82 -5.87 -42.66
CA ALA E 26 -38.53 -7.20 -43.17
C ALA E 26 -39.10 -8.26 -42.25
N THR E 27 -39.55 -9.37 -42.84
CA THR E 27 -40.20 -10.45 -42.10
C THR E 27 -39.29 -11.02 -41.00
N ARG E 28 -38.24 -11.75 -41.36
CA ARG E 28 -37.36 -12.38 -40.40
C ARG E 28 -35.93 -11.93 -40.65
N PHE E 29 -35.26 -11.50 -39.58
CA PHE E 29 -33.86 -11.14 -39.67
C PHE E 29 -32.96 -12.36 -39.48
N ALA E 30 -31.72 -12.22 -39.91
CA ALA E 30 -30.72 -13.28 -39.82
C ALA E 30 -30.02 -13.21 -38.46
N SER E 31 -29.39 -14.32 -38.10
CA SER E 31 -28.58 -14.34 -36.89
C SER E 31 -27.33 -13.50 -37.08
N VAL E 32 -26.90 -12.84 -36.01
CA VAL E 32 -25.78 -11.90 -36.09
C VAL E 32 -24.52 -12.56 -36.63
N TYR E 33 -24.31 -13.85 -36.34
CA TYR E 33 -23.13 -14.54 -36.85
C TYR E 33 -23.21 -14.76 -38.35
N ALA E 34 -24.42 -14.75 -38.91
CA ALA E 34 -24.65 -14.91 -40.33
C ALA E 34 -25.37 -13.67 -40.84
N TRP E 35 -24.83 -12.50 -40.51
CA TRP E 35 -25.43 -11.22 -40.87
C TRP E 35 -25.77 -11.16 -42.35
N ASN E 36 -26.99 -10.73 -42.66
CA ASN E 36 -27.45 -10.72 -44.04
C ASN E 36 -27.05 -9.42 -44.71
N ARG E 37 -26.67 -9.50 -45.98
CA ARG E 37 -26.25 -8.31 -46.72
C ARG E 37 -27.02 -8.22 -48.02
N LYS E 38 -27.58 -7.05 -48.28
CA LYS E 38 -28.37 -6.79 -49.49
C LYS E 38 -27.63 -5.73 -50.31
N ARG E 39 -27.36 -6.06 -51.57
CA ARG E 39 -26.71 -5.13 -52.48
C ARG E 39 -27.74 -4.12 -52.99
N ILE E 40 -27.49 -2.84 -52.73
CA ILE E 40 -28.35 -1.76 -53.18
C ILE E 40 -27.69 -1.08 -54.37
N SER E 41 -28.44 -0.93 -55.45
CA SER E 41 -27.93 -0.34 -56.67
C SER E 41 -29.10 0.13 -57.55
N ASN E 42 -28.78 1.00 -58.51
CA ASN E 42 -29.72 1.47 -59.53
C ASN E 42 -31.02 1.99 -58.93
N CYS E 43 -30.89 2.89 -57.95
CA CYS E 43 -32.06 3.42 -57.27
C CYS E 43 -31.73 4.73 -56.59
N VAL E 44 -32.77 5.53 -56.37
CA VAL E 44 -32.72 6.71 -55.53
C VAL E 44 -33.12 6.34 -54.11
N ALA E 45 -32.51 6.98 -53.11
CA ALA E 45 -32.85 6.75 -51.72
C ALA E 45 -33.16 8.06 -51.02
N ASP E 46 -34.15 8.02 -50.13
CA ASP E 46 -34.55 9.16 -49.32
C ASP E 46 -34.43 8.79 -47.86
N TYR E 47 -33.51 9.45 -47.15
CA TYR E 47 -33.31 9.22 -45.72
C TYR E 47 -34.31 9.96 -44.86
N SER E 48 -35.16 10.81 -45.45
CA SER E 48 -36.16 11.52 -44.66
C SER E 48 -37.15 10.58 -44.01
N VAL E 49 -37.46 9.44 -44.65
CA VAL E 49 -38.41 8.49 -44.09
C VAL E 49 -37.84 7.88 -42.81
N LEU E 50 -36.54 7.62 -42.79
CA LEU E 50 -35.92 7.05 -41.60
C LEU E 50 -36.03 8.00 -40.41
N TYR E 51 -35.50 9.21 -40.55
CA TYR E 51 -35.55 10.12 -39.40
C TYR E 51 -36.94 10.70 -39.14
N ASN E 52 -37.93 10.39 -39.99
CA ASN E 52 -39.31 10.75 -39.66
C ASN E 52 -40.07 9.62 -38.99
N SER E 53 -39.72 8.36 -39.28
CA SER E 53 -40.31 7.23 -38.58
C SER E 53 -40.06 7.30 -37.07
N ALA E 54 -38.85 7.72 -36.68
CA ALA E 54 -38.50 8.11 -35.33
C ALA E 54 -38.58 6.97 -34.32
N SER E 55 -38.81 5.74 -34.77
CA SER E 55 -38.91 4.62 -33.85
C SER E 55 -37.55 4.08 -33.43
N PHE E 56 -36.51 4.30 -34.23
CA PHE E 56 -35.20 3.72 -33.95
C PHE E 56 -34.64 4.19 -32.60
N SER E 57 -34.00 3.25 -31.89
CA SER E 57 -33.38 3.57 -30.61
C SER E 57 -32.02 4.22 -30.78
N THR E 58 -31.26 3.85 -31.81
CA THR E 58 -29.93 4.40 -32.04
C THR E 58 -29.75 4.71 -33.51
N PHE E 59 -29.47 5.97 -33.84
CA PHE E 59 -29.33 6.42 -35.23
C PHE E 59 -28.05 7.25 -35.34
N LYS E 60 -26.92 6.59 -35.61
CA LYS E 60 -25.63 7.29 -35.60
C LYS E 60 -24.90 7.07 -36.92
N CYS E 61 -24.36 8.15 -37.50
CA CYS E 61 -23.65 8.08 -38.76
C CYS E 61 -22.23 8.61 -38.61
N TYR E 62 -21.34 8.09 -39.46
CA TYR E 62 -19.91 8.38 -39.39
C TYR E 62 -19.41 8.85 -40.76
N GLY E 63 -18.71 9.98 -40.78
CA GLY E 63 -18.21 10.55 -42.01
C GLY E 63 -19.14 11.51 -42.70
N VAL E 64 -20.42 11.49 -42.39
CA VAL E 64 -21.42 12.34 -43.05
C VAL E 64 -22.57 12.60 -42.09
N SER E 65 -22.92 13.88 -41.93
CA SER E 65 -23.98 14.26 -41.02
C SER E 65 -25.31 13.65 -41.47
N PRO E 66 -26.12 13.11 -40.55
CA PRO E 66 -27.40 12.50 -40.96
C PRO E 66 -28.39 13.50 -41.53
N THR E 67 -28.39 14.75 -41.04
CA THR E 67 -29.25 15.79 -41.61
C THR E 67 -28.93 16.02 -43.08
N LYS E 68 -27.64 16.23 -43.39
CA LYS E 68 -27.14 16.48 -44.74
C LYS E 68 -26.95 15.20 -45.55
N LEU E 69 -27.56 14.09 -45.15
CA LEU E 69 -27.37 12.84 -45.87
C LEU E 69 -28.21 12.78 -47.13
N ASN E 70 -29.32 13.53 -47.15
CA ASN E 70 -30.30 13.36 -48.21
C ASN E 70 -29.81 13.93 -49.53
N ASP E 71 -28.95 14.95 -49.49
CA ASP E 71 -28.50 15.64 -50.71
C ASP E 71 -27.10 15.21 -51.15
N LEU E 72 -26.82 13.91 -51.13
CA LEU E 72 -25.53 13.41 -51.56
C LEU E 72 -25.72 12.20 -52.45
N CYS E 73 -24.70 11.91 -53.25
CA CYS E 73 -24.71 10.76 -54.16
C CYS E 73 -23.63 9.77 -53.75
N PHE E 74 -24.03 8.53 -53.54
CA PHE E 74 -23.19 7.47 -52.99
C PHE E 74 -23.02 6.36 -54.01
N THR E 75 -22.05 5.49 -53.75
CA THR E 75 -21.80 4.35 -54.60
C THR E 75 -21.51 3.11 -53.74
N ASN E 76 -21.77 1.94 -54.32
CA ASN E 76 -21.51 0.66 -53.65
C ASN E 76 -22.26 0.56 -52.33
N VAL E 77 -23.55 0.88 -52.37
CA VAL E 77 -24.36 0.89 -51.16
C VAL E 77 -24.72 -0.54 -50.79
N TYR E 78 -24.39 -0.94 -49.56
CA TYR E 78 -24.67 -2.27 -49.02
C TYR E 78 -25.42 -2.12 -47.71
N ALA E 79 -26.49 -2.90 -47.56
CA ALA E 79 -27.30 -2.90 -46.34
C ALA E 79 -27.13 -4.22 -45.59
N ASP E 80 -26.58 -4.15 -44.38
CA ASP E 80 -26.39 -5.32 -43.53
C ASP E 80 -27.46 -5.34 -42.45
N SER E 81 -28.16 -6.47 -42.32
CA SER E 81 -29.26 -6.61 -41.38
C SER E 81 -29.00 -7.80 -40.46
N PHE E 82 -29.21 -7.58 -39.16
CA PHE E 82 -29.04 -8.63 -38.16
C PHE E 82 -29.73 -8.22 -36.86
N VAL E 83 -29.74 -9.14 -35.90
CA VAL E 83 -30.35 -8.93 -34.58
C VAL E 83 -29.33 -9.25 -33.50
N ILE E 84 -29.23 -8.36 -32.50
CA ILE E 84 -28.31 -8.57 -31.37
C ILE E 84 -28.99 -8.23 -30.05
N ARG E 85 -28.20 -8.20 -28.98
CA ARG E 85 -28.67 -7.91 -27.63
C ARG E 85 -28.66 -6.40 -27.37
N GLY E 86 -29.47 -5.98 -26.40
CA GLY E 86 -29.54 -4.56 -26.09
C GLY E 86 -28.21 -3.98 -25.62
N ASP E 87 -27.59 -4.65 -24.63
CA ASP E 87 -26.30 -4.21 -24.12
C ASP E 87 -25.18 -4.34 -25.14
N GLU E 88 -25.39 -5.08 -26.23
CA GLU E 88 -24.35 -5.29 -27.24
C GLU E 88 -24.40 -4.24 -28.35
N VAL E 89 -25.35 -3.30 -28.27
CA VAL E 89 -25.52 -2.30 -29.31
C VAL E 89 -24.24 -1.50 -29.51
N ARG E 90 -23.57 -1.16 -28.40
CA ARG E 90 -22.36 -0.35 -28.49
C ARG E 90 -21.28 -1.02 -29.33
N GLN E 91 -21.30 -2.36 -29.41
CA GLN E 91 -20.23 -3.06 -30.13
C GLN E 91 -20.26 -2.83 -31.63
N ILE E 92 -21.42 -2.48 -32.20
CA ILE E 92 -21.50 -2.20 -33.63
C ILE E 92 -21.10 -0.75 -33.88
N ALA E 93 -19.78 -0.51 -33.87
CA ALA E 93 -19.18 0.79 -34.15
C ALA E 93 -17.71 0.55 -34.48
N PRO E 94 -17.09 1.44 -35.26
CA PRO E 94 -15.69 1.20 -35.66
C PRO E 94 -14.75 1.16 -34.46
N GLY E 95 -13.86 0.18 -34.46
CA GLY E 95 -12.81 0.07 -33.47
C GLY E 95 -13.24 -0.45 -32.11
N GLN E 96 -14.50 -0.85 -31.95
CA GLN E 96 -14.97 -1.37 -30.68
C GLN E 96 -14.54 -2.82 -30.50
N THR E 97 -14.18 -3.18 -29.26
CA THR E 97 -13.78 -4.54 -28.92
C THR E 97 -14.82 -5.15 -27.98
N GLY E 98 -15.38 -6.28 -28.37
CA GLY E 98 -16.36 -6.94 -27.53
C GLY E 98 -16.60 -8.35 -28.00
N LYS E 99 -17.51 -9.03 -27.30
CA LYS E 99 -17.78 -10.43 -27.63
C LYS E 99 -18.25 -10.57 -29.08
N ILE E 100 -19.12 -9.68 -29.53
CA ILE E 100 -19.66 -9.76 -30.88
C ILE E 100 -18.69 -9.19 -31.91
N ALA E 101 -18.20 -7.97 -31.66
CA ALA E 101 -17.41 -7.28 -32.67
C ALA E 101 -16.13 -8.05 -33.00
N ASP E 102 -15.49 -8.61 -31.99
CA ASP E 102 -14.27 -9.38 -32.22
C ASP E 102 -14.55 -10.64 -33.03
N TYR E 103 -15.71 -11.28 -32.79
CA TYR E 103 -15.98 -12.61 -33.33
C TYR E 103 -17.16 -12.73 -34.28
N ASN E 104 -17.98 -11.68 -34.46
CA ASN E 104 -19.18 -11.81 -35.29
C ASN E 104 -19.28 -10.80 -36.42
N TYR E 105 -19.28 -9.49 -36.13
CA TYR E 105 -19.44 -8.47 -37.16
C TYR E 105 -18.59 -7.27 -36.81
N LYS E 106 -17.67 -6.91 -37.70
CA LYS E 106 -16.63 -5.91 -37.43
C LYS E 106 -16.65 -4.82 -38.49
N LEU E 107 -16.90 -3.59 -38.06
CA LEU E 107 -16.79 -2.42 -38.91
C LEU E 107 -15.31 -2.03 -39.07
N PRO E 108 -14.90 -1.63 -40.26
CA PRO E 108 -13.50 -1.21 -40.44
C PRO E 108 -13.27 0.15 -39.80
N ASP E 109 -12.00 0.50 -39.65
CA ASP E 109 -11.65 1.70 -38.90
C ASP E 109 -12.01 2.97 -39.66
N ASP E 110 -11.93 2.94 -40.98
CA ASP E 110 -12.25 4.10 -41.81
C ASP E 110 -13.71 4.06 -42.27
N PHE E 111 -14.60 3.72 -41.33
CA PHE E 111 -16.00 3.53 -41.66
C PHE E 111 -16.63 4.81 -42.20
N THR E 112 -17.56 4.63 -43.14
CA THR E 112 -18.19 5.75 -43.81
C THR E 112 -19.72 5.72 -43.77
N GLY E 113 -20.34 4.65 -43.29
CA GLY E 113 -21.78 4.47 -43.39
C GLY E 113 -22.54 4.90 -42.16
N CYS E 114 -23.70 4.29 -41.95
CA CYS E 114 -24.61 4.63 -40.86
C CYS E 114 -25.01 3.37 -40.09
N VAL E 115 -25.46 3.58 -38.85
CA VAL E 115 -25.91 2.49 -37.99
C VAL E 115 -27.29 2.85 -37.44
N ILE E 116 -28.26 1.94 -37.65
CA ILE E 116 -29.64 2.10 -37.22
C ILE E 116 -30.01 0.91 -36.34
N ALA E 117 -30.57 1.18 -35.17
CA ALA E 117 -30.92 0.14 -34.22
C ALA E 117 -32.24 0.47 -33.55
N TRP E 118 -33.12 -0.53 -33.45
CA TRP E 118 -34.41 -0.31 -32.80
C TRP E 118 -34.84 -1.55 -32.04
N ASN E 119 -35.52 -1.31 -30.90
CA ASN E 119 -35.97 -2.40 -30.03
C ASN E 119 -36.93 -3.31 -30.78
N SER E 120 -36.72 -4.63 -30.64
CA SER E 120 -37.56 -5.62 -31.28
C SER E 120 -38.16 -6.58 -30.27
N ASN E 121 -38.33 -6.14 -29.02
CA ASN E 121 -38.89 -7.02 -28.00
C ASN E 121 -40.33 -7.40 -28.29
N ASN E 122 -40.96 -6.71 -29.25
CA ASN E 122 -42.34 -7.04 -29.62
C ASN E 122 -42.41 -8.27 -30.53
N LEU E 123 -41.40 -8.48 -31.36
CA LEU E 123 -41.44 -9.53 -32.39
C LEU E 123 -40.46 -10.67 -32.14
N ASP E 124 -39.26 -10.38 -31.66
CA ASP E 124 -38.17 -11.34 -31.64
C ASP E 124 -38.02 -12.08 -30.32
N SER E 125 -38.91 -11.87 -29.36
CA SER E 125 -38.90 -12.63 -28.13
C SER E 125 -40.27 -13.28 -27.93
N LYS E 126 -40.30 -14.39 -27.21
CA LYS E 126 -41.54 -15.10 -26.94
C LYS E 126 -41.43 -15.81 -25.61
N VAL E 127 -42.58 -16.11 -25.02
CA VAL E 127 -42.61 -16.83 -23.75
C VAL E 127 -41.93 -18.18 -23.95
N GLY E 128 -41.00 -18.52 -23.06
CA GLY E 128 -40.13 -19.65 -23.27
C GLY E 128 -38.83 -19.30 -23.95
N GLY E 129 -38.75 -18.12 -24.54
CA GLY E 129 -37.54 -17.62 -25.16
C GLY E 129 -37.46 -17.98 -26.63
N ASN E 130 -36.81 -17.10 -27.38
CA ASN E 130 -36.48 -17.38 -28.77
C ASN E 130 -35.04 -17.84 -28.82
N TYR E 131 -34.82 -19.05 -29.31
CA TYR E 131 -33.49 -19.61 -29.39
C TYR E 131 -32.98 -19.69 -30.83
N ASN E 132 -33.62 -18.97 -31.75
CA ASN E 132 -33.21 -18.99 -33.16
C ASN E 132 -32.19 -17.93 -33.50
N TYR E 133 -31.94 -16.97 -32.62
CA TYR E 133 -30.92 -15.96 -32.85
C TYR E 133 -29.67 -16.36 -32.06
N LEU E 134 -28.61 -16.67 -32.78
CA LEU E 134 -27.37 -17.19 -32.20
C LEU E 134 -26.26 -16.18 -32.38
N TYR E 135 -25.20 -16.33 -31.57
CA TYR E 135 -24.00 -15.54 -31.72
C TYR E 135 -22.79 -16.43 -31.54
N ARG E 136 -21.71 -16.12 -32.26
CA ARG E 136 -20.50 -16.93 -32.23
C ARG E 136 -19.65 -16.51 -31.05
N LEU E 137 -19.63 -17.34 -30.01
CA LEU E 137 -18.90 -17.01 -28.79
C LEU E 137 -17.40 -17.24 -28.95
N PHE E 138 -17.01 -18.29 -29.65
CA PHE E 138 -15.62 -18.70 -29.81
C PHE E 138 -15.17 -18.56 -31.26
N ARG E 139 -13.89 -18.25 -31.43
CA ARG E 139 -13.24 -18.37 -32.72
C ARG E 139 -11.73 -18.27 -32.52
N LYS E 140 -10.99 -18.88 -33.44
CA LYS E 140 -9.53 -18.92 -33.35
C LYS E 140 -8.92 -17.52 -33.43
N SER E 141 -9.39 -16.71 -34.38
CA SER E 141 -8.84 -15.39 -34.64
C SER E 141 -9.95 -14.36 -34.78
N ASN E 142 -9.57 -13.08 -34.62
CA ASN E 142 -10.49 -11.97 -34.77
C ASN E 142 -10.97 -11.87 -36.22
N LEU E 143 -12.14 -11.26 -36.39
CA LEU E 143 -12.72 -11.14 -37.72
C LEU E 143 -12.19 -9.92 -38.46
N LYS E 144 -11.96 -10.10 -39.76
CA LYS E 144 -11.62 -9.00 -40.63
C LYS E 144 -12.85 -8.12 -40.84
N PRO E 145 -12.66 -6.87 -41.23
CA PRO E 145 -13.82 -6.00 -41.49
C PRO E 145 -14.77 -6.65 -42.49
N PHE E 146 -16.06 -6.63 -42.16
CA PHE E 146 -17.10 -7.25 -42.97
C PHE E 146 -16.84 -8.74 -43.24
N GLU E 147 -16.02 -9.38 -42.41
CA GLU E 147 -15.84 -10.82 -42.53
C GLU E 147 -17.05 -11.55 -41.96
N ARG E 148 -17.46 -12.61 -42.65
CA ARG E 148 -18.64 -13.38 -42.28
C ARG E 148 -18.22 -14.82 -42.02
N ASP E 149 -18.38 -15.28 -40.79
CA ASP E 149 -17.99 -16.62 -40.40
C ASP E 149 -19.23 -17.39 -39.98
N ILE E 150 -19.57 -18.42 -40.73
CA ILE E 150 -20.69 -19.29 -40.42
C ILE E 150 -20.21 -20.71 -40.11
N SER E 151 -18.92 -20.87 -39.81
CA SER E 151 -18.39 -22.18 -39.50
C SER E 151 -19.05 -22.73 -38.25
N THR E 152 -19.19 -24.04 -38.20
CA THR E 152 -19.79 -24.71 -37.06
C THR E 152 -18.85 -25.77 -36.53
N GLU E 153 -17.57 -25.43 -36.39
CA GLU E 153 -16.55 -26.34 -35.91
C GLU E 153 -16.37 -26.17 -34.41
N ILE E 154 -16.28 -27.30 -33.70
CA ILE E 154 -16.07 -27.27 -32.27
C ILE E 154 -14.67 -26.72 -31.98
N TYR E 155 -14.64 -25.58 -31.30
CA TYR E 155 -13.41 -24.84 -31.07
C TYR E 155 -12.60 -25.49 -29.94
N GLN E 156 -11.32 -25.73 -30.20
CA GLN E 156 -10.44 -26.42 -29.26
C GLN E 156 -9.59 -25.40 -28.51
N ALA E 157 -10.02 -25.06 -27.30
CA ALA E 157 -9.18 -24.28 -26.40
C ALA E 157 -8.17 -25.14 -25.67
N GLY E 158 -8.18 -26.44 -25.91
CA GLY E 158 -7.21 -27.32 -25.32
C GLY E 158 -6.23 -27.85 -26.34
N SER E 159 -5.09 -28.36 -25.87
CA SER E 159 -4.12 -28.97 -26.76
C SER E 159 -4.63 -30.28 -27.34
N THR E 160 -5.51 -30.96 -26.62
CA THR E 160 -6.12 -32.16 -27.16
C THR E 160 -7.14 -31.79 -28.24
N PRO E 161 -7.18 -32.53 -29.37
CA PRO E 161 -8.16 -32.23 -30.42
C PRO E 161 -9.60 -32.44 -29.97
N CYS E 162 -10.53 -32.35 -30.91
CA CYS E 162 -11.94 -32.55 -30.61
C CYS E 162 -12.60 -33.64 -31.45
N ASN E 163 -12.21 -33.77 -32.72
CA ASN E 163 -12.77 -34.78 -33.63
C ASN E 163 -14.29 -34.69 -33.71
N GLY E 164 -14.80 -33.46 -33.74
CA GLY E 164 -16.21 -33.24 -33.95
C GLY E 164 -17.10 -33.68 -32.81
N VAL E 165 -16.57 -33.68 -31.59
CA VAL E 165 -17.36 -34.02 -30.40
C VAL E 165 -17.12 -32.97 -29.33
N GLU E 166 -18.20 -32.42 -28.78
CA GLU E 166 -18.05 -31.50 -27.67
C GLU E 166 -17.66 -32.24 -26.41
N GLY E 167 -16.77 -31.64 -25.63
CA GLY E 167 -16.27 -32.23 -24.40
C GLY E 167 -15.42 -31.27 -23.60
N PHE E 168 -14.48 -31.79 -22.82
CA PHE E 168 -13.61 -30.93 -22.01
C PHE E 168 -12.75 -30.06 -22.91
N ASN E 169 -12.84 -28.74 -22.74
CA ASN E 169 -12.10 -27.77 -23.53
C ASN E 169 -12.35 -27.92 -25.02
N CYS E 170 -13.46 -28.57 -25.38
CA CYS E 170 -13.97 -28.65 -26.75
C CYS E 170 -15.37 -28.06 -26.72
N TYR E 171 -15.51 -26.84 -27.24
CA TYR E 171 -16.68 -26.01 -27.05
C TYR E 171 -17.46 -25.88 -28.34
N PHE E 172 -18.76 -25.69 -28.24
CA PHE E 172 -19.48 -25.47 -29.48
C PHE E 172 -19.54 -23.97 -29.76
N PRO E 173 -19.21 -23.53 -30.97
CA PRO E 173 -19.02 -22.07 -31.17
C PRO E 173 -20.27 -21.24 -30.97
N LEU E 174 -21.40 -21.63 -31.56
CA LEU E 174 -22.58 -20.80 -31.55
C LEU E 174 -23.37 -20.99 -30.26
N GLN E 175 -23.74 -19.89 -29.60
CA GLN E 175 -24.55 -19.94 -28.39
C GLN E 175 -25.83 -19.17 -28.65
N SER E 176 -26.95 -19.74 -28.22
CA SER E 176 -28.25 -19.11 -28.41
C SER E 176 -28.43 -17.92 -27.47
N TYR E 177 -29.05 -16.87 -28.00
CA TYR E 177 -29.34 -15.69 -27.21
C TYR E 177 -30.39 -15.97 -26.15
N GLY E 178 -31.51 -16.57 -26.56
CA GLY E 178 -32.60 -16.85 -25.65
C GLY E 178 -33.30 -15.61 -25.11
N PHE E 179 -34.02 -14.88 -25.96
CA PHE E 179 -34.73 -13.70 -25.54
C PHE E 179 -36.10 -14.07 -25.00
N GLN E 180 -36.36 -13.73 -23.74
CA GLN E 180 -37.72 -13.80 -23.22
C GLN E 180 -38.31 -12.39 -23.09
N PRO E 181 -39.60 -12.23 -23.35
CA PRO E 181 -40.21 -10.88 -23.33
C PRO E 181 -40.09 -10.18 -21.99
N THR E 182 -39.90 -10.91 -20.89
CA THR E 182 -39.80 -10.30 -19.57
C THR E 182 -38.37 -9.90 -19.22
N ASN E 183 -37.43 -10.05 -20.15
CA ASN E 183 -36.05 -9.74 -19.87
C ASN E 183 -35.87 -8.24 -19.70
N GLY E 184 -34.75 -7.86 -19.10
CA GLY E 184 -34.42 -6.46 -19.01
C GLY E 184 -34.07 -5.90 -20.38
N VAL E 185 -34.15 -4.57 -20.48
CA VAL E 185 -33.87 -3.91 -21.75
C VAL E 185 -32.47 -4.23 -22.24
N GLY E 186 -31.52 -4.43 -21.32
CA GLY E 186 -30.18 -4.83 -21.71
C GLY E 186 -30.11 -6.17 -22.40
N TYR E 187 -30.98 -7.11 -22.02
CA TYR E 187 -31.04 -8.43 -22.65
C TYR E 187 -32.10 -8.55 -23.72
N GLN E 188 -32.92 -7.51 -23.92
CA GLN E 188 -33.96 -7.58 -24.93
C GLN E 188 -33.35 -7.53 -26.34
N PRO E 189 -33.98 -8.18 -27.31
CA PRO E 189 -33.44 -8.19 -28.68
C PRO E 189 -33.66 -6.88 -29.41
N TYR E 190 -32.65 -6.45 -30.15
CA TYR E 190 -32.68 -5.23 -30.93
C TYR E 190 -32.29 -5.55 -32.37
N ARG E 191 -33.10 -5.07 -33.33
CA ARG E 191 -32.78 -5.20 -34.76
C ARG E 191 -31.88 -4.05 -35.23
N VAL E 192 -30.83 -4.40 -35.96
CA VAL E 192 -29.81 -3.45 -36.41
C VAL E 192 -29.61 -3.56 -37.93
N VAL E 193 -29.44 -2.40 -38.57
CA VAL E 193 -29.08 -2.28 -39.97
C VAL E 193 -27.85 -1.37 -40.07
N VAL E 194 -26.82 -1.84 -40.76
CA VAL E 194 -25.59 -1.09 -41.00
C VAL E 194 -25.50 -0.80 -42.50
N LEU E 195 -25.31 0.47 -42.85
CA LEU E 195 -25.26 0.90 -44.24
C LEU E 195 -23.83 1.29 -44.58
N SER E 196 -23.20 0.55 -45.47
CA SER E 196 -21.85 0.82 -45.92
C SER E 196 -21.88 1.36 -47.34
N PHE E 197 -21.29 2.54 -47.55
CA PHE E 197 -21.26 3.16 -48.86
C PHE E 197 -20.02 4.04 -48.97
N GLU E 198 -19.68 4.39 -50.21
CA GLU E 198 -18.57 5.29 -50.50
C GLU E 198 -19.08 6.61 -51.04
N LEU E 199 -18.57 7.72 -50.49
CA LEU E 199 -18.93 9.04 -51.00
C LEU E 199 -18.24 9.27 -52.34
N LEU E 200 -19.03 9.56 -53.36
CA LEU E 200 -18.53 9.87 -54.70
C LEU E 200 -18.90 11.31 -55.03
N HIS E 201 -17.95 12.06 -55.55
CA HIS E 201 -18.18 13.44 -55.94
C HIS E 201 -17.91 13.64 -57.43
N ALA E 202 -18.11 12.57 -58.23
CA ALA E 202 -17.75 12.62 -59.64
C ALA E 202 -18.47 13.74 -60.39
N PRO E 203 -19.80 13.90 -60.27
CA PRO E 203 -20.41 15.12 -60.83
C PRO E 203 -20.37 16.22 -59.79
N ALA E 204 -19.59 17.26 -60.07
CA ALA E 204 -19.27 18.27 -59.05
C ALA E 204 -20.50 19.08 -58.64
N THR E 205 -21.32 19.51 -59.60
CA THR E 205 -22.43 20.41 -59.29
C THR E 205 -23.45 19.75 -58.38
N VAL E 206 -23.86 18.52 -58.72
CA VAL E 206 -24.90 17.84 -57.94
C VAL E 206 -24.36 17.34 -56.61
N CYS E 207 -23.16 16.77 -56.60
CA CYS E 207 -22.58 16.15 -55.41
C CYS E 207 -21.42 17.01 -54.92
N GLY E 208 -21.55 17.57 -53.73
CA GLY E 208 -20.53 18.43 -53.16
C GLY E 208 -19.28 17.67 -52.74
N PRO E 209 -18.12 18.31 -52.90
CA PRO E 209 -16.85 17.67 -52.53
C PRO E 209 -16.41 17.99 -51.10
N LYS E 210 -16.68 17.07 -50.18
CA LYS E 210 -16.28 17.14 -48.77
C LYS E 210 -16.79 18.46 -48.19
N LYS E 211 -16.14 18.99 -47.15
CA LYS E 211 -16.57 20.22 -46.51
C LYS E 211 -15.50 21.30 -46.67
N SER E 212 -15.91 22.49 -47.11
CA SER E 212 -15.03 23.64 -47.18
C SER E 212 -15.07 24.37 -45.83
N THR E 213 -13.91 24.85 -45.39
CA THR E 213 -13.80 25.47 -44.09
C THR E 213 -12.55 26.35 -44.04
N ASN E 214 -12.71 27.57 -43.52
CA ASN E 214 -11.69 28.61 -43.50
C ASN E 214 -11.20 28.84 -42.08
N LEU E 215 -10.08 29.56 -41.96
CA LEU E 215 -9.62 30.12 -40.69
C LEU E 215 -9.25 31.59 -40.84
N LYS F 3 19.02 -36.78 42.51
CA LYS F 3 20.18 -37.03 41.65
C LYS F 3 20.84 -35.75 41.15
N ALA F 4 22.12 -35.60 41.41
CA ALA F 4 22.88 -34.50 40.84
C ALA F 4 22.97 -34.68 39.33
N GLY F 5 22.79 -33.59 38.59
CA GLY F 5 22.85 -33.63 37.15
C GLY F 5 21.52 -33.59 36.43
N VAL F 6 20.41 -33.39 37.15
CA VAL F 6 19.10 -33.23 36.54
C VAL F 6 18.54 -31.92 37.07
N VAL F 7 17.98 -31.12 36.17
CA VAL F 7 17.49 -29.78 36.49
C VAL F 7 16.09 -29.89 37.06
N TYR F 8 15.97 -29.63 38.36
CA TYR F 8 14.70 -29.68 39.07
C TYR F 8 14.01 -28.32 39.00
N GLY F 9 12.69 -28.35 38.86
CA GLY F 9 11.90 -27.17 39.08
C GLY F 9 11.72 -26.90 40.56
N TYR F 10 11.46 -25.64 40.90
CA TYR F 10 11.42 -25.21 42.29
C TYR F 10 10.49 -26.07 43.14
N ASN F 11 9.23 -26.22 42.71
CA ASN F 11 8.29 -27.02 43.49
C ASN F 11 8.72 -28.49 43.54
N ALA F 12 9.26 -29.02 42.43
CA ALA F 12 9.78 -30.38 42.44
C ALA F 12 11.04 -30.49 43.30
N TRP F 13 11.77 -29.39 43.48
CA TRP F 13 12.92 -29.38 44.37
C TRP F 13 12.48 -29.34 45.83
N ILE F 14 11.30 -28.81 46.10
CA ILE F 14 10.72 -28.92 47.44
C ILE F 14 10.37 -30.38 47.73
N ARG F 15 9.74 -31.06 46.76
CA ARG F 15 9.39 -32.47 46.90
C ARG F 15 10.63 -33.33 47.09
N CYS F 16 11.77 -32.85 46.59
CA CYS F 16 13.06 -33.52 46.73
C CYS F 16 13.52 -33.48 48.19
N LYS G 3 19.37 28.40 -32.29
CA LYS G 3 20.73 27.89 -32.08
C LYS G 3 20.78 26.41 -31.70
N ALA G 4 21.57 25.64 -32.43
CA ALA G 4 21.81 24.23 -32.08
C ALA G 4 22.56 24.12 -30.76
N GLY G 5 22.14 23.18 -29.93
CA GLY G 5 22.71 22.97 -28.62
C GLY G 5 21.88 23.52 -27.49
N VAL G 6 20.66 23.95 -27.78
CA VAL G 6 19.73 24.46 -26.79
C VAL G 6 18.44 23.65 -26.92
N VAL G 7 17.94 23.16 -25.79
CA VAL G 7 16.71 22.37 -25.78
C VAL G 7 15.54 23.34 -25.66
N TYR G 8 14.82 23.50 -26.75
CA TYR G 8 13.67 24.38 -26.76
C TYR G 8 12.45 23.61 -26.28
N GLY G 9 11.62 24.28 -25.49
CA GLY G 9 10.33 23.71 -25.17
C GLY G 9 9.35 23.88 -26.31
N TYR G 10 8.32 23.01 -26.32
CA TYR G 10 7.37 22.98 -27.42
C TYR G 10 6.81 24.37 -27.74
N ASN G 11 6.27 25.05 -26.73
CA ASN G 11 5.73 26.38 -26.95
C ASN G 11 6.83 27.37 -27.34
N ALA G 12 8.01 27.27 -26.71
CA ALA G 12 9.12 28.11 -27.10
C ALA G 12 9.63 27.76 -28.49
N TRP G 13 9.57 26.48 -28.87
CA TRP G 13 9.95 26.08 -30.22
C TRP G 13 8.95 26.60 -31.25
N ILE G 14 7.71 26.88 -30.84
CA ILE G 14 6.77 27.56 -31.73
C ILE G 14 7.24 28.99 -31.99
N ARG G 15 7.64 29.71 -30.93
CA ARG G 15 8.19 31.05 -31.10
C ARG G 15 9.50 31.06 -31.87
N CYS G 16 10.23 29.95 -31.83
CA CYS G 16 11.50 29.82 -32.55
C CYS G 16 11.28 29.81 -34.06
N LYS H 3 -21.35 -55.46 10.77
CA LYS H 3 -21.43 -56.03 9.43
C LYS H 3 -20.63 -55.28 8.38
N ALA H 4 -19.75 -56.00 7.71
CA ALA H 4 -19.03 -55.42 6.59
C ALA H 4 -20.01 -55.15 5.45
N GLY H 5 -19.93 -53.98 4.86
CA GLY H 5 -20.84 -53.58 3.81
C GLY H 5 -21.92 -52.63 4.24
N VAL H 6 -21.86 -52.11 5.47
CA VAL H 6 -22.84 -51.17 5.98
C VAL H 6 -22.08 -49.93 6.44
N VAL H 7 -22.57 -48.75 6.03
CA VAL H 7 -21.93 -47.50 6.38
C VAL H 7 -22.49 -47.03 7.72
N TYR H 8 -21.68 -47.14 8.76
CA TYR H 8 -22.05 -46.72 10.11
C TYR H 8 -21.74 -45.25 10.31
N GLY H 9 -22.61 -44.57 11.04
CA GLY H 9 -22.29 -43.24 11.50
C GLY H 9 -21.35 -43.28 12.70
N TYR H 10 -20.64 -42.16 12.91
CA TYR H 10 -19.60 -42.13 13.95
C TYR H 10 -20.12 -42.59 15.30
N ASN H 11 -21.24 -42.04 15.75
CA ASN H 11 -21.77 -42.42 17.05
C ASN H 11 -22.18 -43.90 17.08
N ALA H 12 -22.84 -44.38 16.01
CA ALA H 12 -23.18 -45.79 15.91
C ALA H 12 -21.95 -46.66 15.69
N TRP H 13 -20.85 -46.08 15.21
CA TRP H 13 -19.59 -46.80 15.13
C TRP H 13 -18.97 -46.98 16.51
N ILE H 14 -19.07 -45.95 17.36
CA ILE H 14 -18.68 -46.12 18.76
C ILE H 14 -19.57 -47.15 19.43
N ARG H 15 -20.88 -47.09 19.20
CA ARG H 15 -21.77 -48.11 19.72
C ARG H 15 -21.45 -49.49 19.14
N CYS H 16 -20.87 -49.53 17.95
CA CYS H 16 -20.46 -50.79 17.31
C CYS H 16 -19.30 -51.45 18.05
N LYS I 3 18.95 61.95 13.69
CA LYS I 3 19.92 62.32 14.72
C LYS I 3 20.75 61.18 15.31
N ALA I 4 22.08 61.36 15.24
CA ALA I 4 22.98 60.44 15.93
C ALA I 4 22.83 60.62 17.43
N GLY I 5 22.78 59.51 18.15
CA GLY I 5 22.59 59.52 19.59
C GLY I 5 21.20 59.19 20.06
N VAL I 6 20.31 58.78 19.15
CA VAL I 6 18.96 58.37 19.51
C VAL I 6 18.70 56.99 18.94
N VAL I 7 18.19 56.10 19.78
CA VAL I 7 17.83 54.73 19.39
C VAL I 7 16.41 54.74 18.82
N TYR I 8 16.31 54.48 17.52
CA TYR I 8 15.03 54.47 16.83
C TYR I 8 14.39 53.09 16.89
N GLY I 9 13.07 53.09 17.04
CA GLY I 9 12.29 51.89 16.84
C GLY I 9 12.09 51.61 15.36
N TYR I 10 11.81 50.34 15.08
CA TYR I 10 11.77 49.87 13.69
C TYR I 10 10.84 50.72 12.81
N ASN I 11 9.59 50.90 13.22
CA ASN I 11 8.65 51.67 12.41
C ASN I 11 9.07 53.13 12.29
N ALA I 12 9.53 53.71 13.40
CA ALA I 12 9.99 55.10 13.35
C ALA I 12 11.27 55.23 12.53
N TRP I 13 12.12 54.20 12.54
CA TRP I 13 13.30 54.23 11.69
C TRP I 13 12.94 54.12 10.22
N ILE I 14 11.86 53.39 9.89
CA ILE I 14 11.30 53.46 8.55
C ILE I 14 10.87 54.88 8.22
N ARG I 15 10.18 55.54 9.16
CA ARG I 15 9.78 56.93 8.96
C ARG I 15 10.99 57.85 8.83
N CYS I 16 12.12 57.49 9.45
CA CYS I 16 13.34 58.27 9.36
C CYS I 16 13.95 58.21 7.96
N LYS J 3 -25.56 9.38 -64.26
CA LYS J 3 -25.02 8.04 -64.55
C LYS J 3 -25.76 6.91 -63.84
N ALA J 4 -26.18 5.90 -64.59
CA ALA J 4 -26.76 4.71 -63.98
C ALA J 4 -25.72 3.95 -63.16
N GLY J 5 -26.11 3.49 -61.98
CA GLY J 5 -25.22 2.77 -61.10
C GLY J 5 -24.68 3.53 -59.91
N VAL J 6 -25.17 4.75 -59.67
CA VAL J 6 -24.81 5.53 -58.50
C VAL J 6 -26.10 5.91 -57.78
N VAL J 7 -26.14 5.69 -56.47
CA VAL J 7 -27.33 5.92 -55.66
C VAL J 7 -27.40 7.38 -55.26
N TYR J 8 -28.34 8.12 -55.84
CA TYR J 8 -28.54 9.52 -55.52
C TYR J 8 -29.47 9.68 -54.33
N GLY J 9 -29.18 10.67 -53.50
CA GLY J 9 -30.12 11.10 -52.50
C GLY J 9 -31.21 11.99 -53.08
N TYR J 10 -32.32 12.09 -52.35
CA TYR J 10 -33.51 12.80 -52.84
C TYR J 10 -33.18 14.21 -53.35
N ASN J 11 -32.54 15.02 -52.50
CA ASN J 11 -32.19 16.38 -52.92
C ASN J 11 -31.15 16.38 -54.03
N ALA J 12 -30.15 15.51 -53.94
CA ALA J 12 -29.16 15.39 -55.01
C ALA J 12 -29.74 14.77 -56.27
N TRP J 13 -30.86 14.05 -56.17
CA TRP J 13 -31.52 13.58 -57.38
C TRP J 13 -32.35 14.69 -58.01
N ILE J 14 -32.92 15.57 -57.20
CA ILE J 14 -33.50 16.81 -57.72
C ILE J 14 -32.45 17.62 -58.47
N ARG J 15 -31.25 17.73 -57.88
CA ARG J 15 -30.15 18.42 -58.54
C ARG J 15 -29.74 17.72 -59.83
N CYS J 16 -29.96 16.40 -59.91
CA CYS J 16 -29.66 15.64 -61.13
C CYS J 16 -30.63 15.98 -62.25
#